data_4OII
#
_entry.id   4OII
#
_cell.length_a   215.869
_cell.length_b   49.546
_cell.length_c   130.075
_cell.angle_alpha   90.00
_cell.angle_beta   91.21
_cell.angle_gamma   90.00
#
_symmetry.space_group_name_H-M   'C 1 2 1'
#
loop_
_entity.id
_entity.type
_entity.pdbx_description
1 polymer 'NON-STRUCTURAL PROTEIN NS1'
2 polymer 'Light Chain of Fab fragment of 22NS1 Antibody'
3 polymer 'Heavy Chain of Fab fragment of 22NS1 Antibody'
4 water water
#
loop_
_entity_poly.entity_id
_entity_poly.type
_entity_poly.pdbx_seq_one_letter_code
_entity_poly.pdbx_strand_id
1 'polypeptide(L)'
;MASMRESNTTECDSKIIGTAVKNNLAIHSDLSYWIESRLNDTWKLERAVLGEVKSCTWPETHTLWGDGILESDLIIPVTL
AGPRSNHNRRPGYKTQNQGPWDEGRVEIDFDYCPGTTVTLSESCGHRGPATRTTTESGKLITDWCCRSCTLPPLRYQTDS
GCWYGMEIRPQRHDEKTLVQSQVNA
;
A,B
2 'polypeptide(L)'
;DIQMTQSPASLSASVGETVTITCRASGNIHNYLAWYQQKQGKSPQLLVYNAKTLADGVPSRFSASGSGTQYSLKINSLQP
EDFGSYYCQHFWSTPRTFGGGTKLEIKRADAAPTVSIFPPSSEQLTSGGASVVCFLNNFYPKDINVKWKIDGSERQNGVL
NSWTDQDSKDSTYSMSSTLTLTKDEYERHNSYTCEATHKTSTSPIVKSFNRNE
;
L,M
3 'polypeptide(L)'
;QVQLQQPGAELVKPGASVKLSCKASGYTFTSYWMHWVKLRPGQGFEWIGDINPNNGGPSYNEKFKRKATLTVDTSSSTAY
MQLSSLTSEDSAVYYCTIDDGYRFGYWGQGTLVTVSAAKTTAPSVYPLAPVCGDTTGSSVTLGCLVKGYFPEPVTLTWNS
GSLSSGVHTFPAVLQSDLYTLSSSVTVTSSTWPSQSITCNVAHPASSTKVDKKIEPR
;
H,I
#
# COMPACT_ATOMS: atom_id res chain seq x y z
N THR A 9 -2.44 -28.10 1.36
CA THR A 9 -2.93 -27.56 2.62
C THR A 9 -2.07 -28.04 3.79
N THR A 10 -1.48 -29.21 3.64
CA THR A 10 -0.58 -29.77 4.65
C THR A 10 0.87 -29.80 4.16
N GLU A 11 1.80 -29.99 5.08
CA GLU A 11 3.22 -29.98 4.75
C GLU A 11 3.84 -31.37 4.67
N CYS A 12 4.78 -31.54 3.74
CA CYS A 12 5.43 -32.83 3.52
C CYS A 12 6.30 -33.27 4.68
N ASP A 13 6.54 -34.57 4.78
CA ASP A 13 7.42 -35.13 5.78
C ASP A 13 8.86 -34.71 5.51
N SER A 14 9.46 -34.01 6.47
CA SER A 14 10.82 -33.48 6.29
C SER A 14 11.88 -34.40 6.90
N LYS A 15 11.51 -35.64 7.17
CA LYS A 15 12.46 -36.60 7.73
C LYS A 15 13.20 -37.32 6.61
N ILE A 16 12.53 -37.48 5.46
CA ILE A 16 13.09 -38.23 4.34
C ILE A 16 13.52 -37.30 3.21
N ILE A 17 13.85 -36.07 3.55
CA ILE A 17 14.11 -35.05 2.55
C ILE A 17 15.57 -34.60 2.50
N GLY A 18 16.04 -34.24 1.31
CA GLY A 18 17.39 -33.77 1.11
C GLY A 18 17.49 -32.79 -0.05
N THR A 19 17.92 -31.58 0.24
CA THR A 19 18.10 -30.55 -0.78
C THR A 19 19.56 -30.08 -0.79
N ALA A 20 20.16 -30.05 -1.97
CA ALA A 20 21.58 -29.72 -2.07
C ALA A 20 21.94 -29.06 -3.39
N VAL A 21 22.71 -27.98 -3.33
CA VAL A 21 23.27 -27.36 -4.52
C VAL A 21 24.79 -27.29 -4.41
N LYS A 22 25.47 -27.76 -5.45
CA LYS A 22 26.92 -27.74 -5.48
C LYS A 22 27.37 -27.42 -6.90
N ASN A 23 28.26 -26.45 -7.03
CA ASN A 23 28.70 -25.96 -8.33
C ASN A 23 27.54 -25.47 -9.20
N ASN A 24 27.26 -26.20 -10.27
CA ASN A 24 26.27 -25.78 -11.25
C ASN A 24 25.00 -26.63 -11.21
N LEU A 25 24.89 -27.49 -10.21
CA LEU A 25 23.75 -28.41 -10.13
C LEU A 25 22.99 -28.27 -8.82
N ALA A 26 21.67 -28.18 -8.92
CA ALA A 26 20.82 -28.03 -7.74
C ALA A 26 19.74 -29.11 -7.71
N ILE A 27 19.58 -29.75 -6.56
CA ILE A 27 18.65 -30.87 -6.42
C ILE A 27 17.77 -30.79 -5.16
N HIS A 28 16.46 -30.70 -5.37
CA HIS A 28 15.48 -30.83 -4.31
C HIS A 28 14.92 -32.24 -4.35
N SER A 29 15.21 -33.06 -3.35
CA SER A 29 14.77 -34.45 -3.41
C SER A 29 14.19 -35.00 -2.12
N ASP A 30 13.42 -36.08 -2.27
CA ASP A 30 13.11 -36.96 -1.15
C ASP A 30 13.02 -38.39 -1.67
N LEU A 31 12.24 -39.23 -1.01
CA LEU A 31 12.13 -40.63 -1.39
C LEU A 31 11.44 -40.82 -2.74
N SER A 32 10.49 -39.94 -3.05
CA SER A 32 9.73 -40.03 -4.29
C SER A 32 10.19 -39.00 -5.32
N TYR A 33 10.47 -37.79 -4.87
CA TYR A 33 10.80 -36.70 -5.78
C TYR A 33 12.31 -36.54 -5.98
N TRP A 34 12.68 -36.17 -7.20
CA TRP A 34 14.06 -35.82 -7.53
C TRP A 34 14.03 -34.69 -8.54
N ILE A 35 14.12 -33.46 -8.03
CA ILE A 35 13.95 -32.27 -8.86
C ILE A 35 15.27 -31.53 -9.09
N GLU A 36 15.76 -31.65 -10.31
CA GLU A 36 17.08 -31.15 -10.70
C GLU A 36 17.01 -29.95 -11.63
N SER A 37 17.62 -28.85 -11.18
CA SER A 37 17.80 -27.67 -12.00
C SER A 37 19.30 -27.45 -12.21
N ARG A 38 19.67 -26.96 -13.39
CA ARG A 38 21.08 -26.81 -13.74
C ARG A 38 21.37 -25.39 -14.24
N LEU A 39 22.60 -24.94 -14.00
CA LEU A 39 23.06 -23.68 -14.58
C LEU A 39 23.74 -23.90 -15.92
N ASN A 40 23.01 -23.63 -16.99
CA ASN A 40 23.58 -23.56 -18.32
C ASN A 40 22.97 -22.34 -18.98
N ASP A 41 23.80 -21.33 -19.22
CA ASP A 41 23.36 -19.99 -19.61
C ASP A 41 22.60 -19.32 -18.46
N THR A 42 21.52 -19.96 -18.01
CA THR A 42 20.76 -19.49 -16.85
C THR A 42 20.35 -20.67 -15.96
N TRP A 43 19.94 -20.38 -14.74
CA TRP A 43 19.41 -21.41 -13.84
C TRP A 43 17.96 -21.74 -14.20
N LYS A 44 17.73 -22.99 -14.61
CA LYS A 44 16.38 -23.43 -14.95
C LYS A 44 16.19 -24.92 -14.67
N LEU A 45 14.94 -25.34 -14.56
CA LEU A 45 14.61 -26.74 -14.32
C LEU A 45 15.11 -27.60 -15.49
N GLU A 46 15.81 -28.68 -15.16
CA GLU A 46 16.33 -29.58 -16.17
C GLU A 46 15.55 -30.89 -16.21
N ARG A 47 15.26 -31.44 -15.04
CA ARG A 47 14.56 -32.73 -14.99
C ARG A 47 13.92 -32.98 -13.63
N ALA A 48 12.68 -33.45 -13.62
CA ALA A 48 12.00 -33.77 -12.37
C ALA A 48 11.45 -35.19 -12.41
N VAL A 49 11.93 -36.03 -11.51
CA VAL A 49 11.44 -37.40 -11.41
C VAL A 49 10.46 -37.53 -10.25
N LEU A 50 9.22 -37.86 -10.56
CA LEU A 50 8.18 -38.02 -9.55
C LEU A 50 7.75 -39.48 -9.49
N GLY A 51 8.33 -40.24 -8.57
CA GLY A 51 8.02 -41.65 -8.42
C GLY A 51 6.55 -41.85 -8.13
N GLU A 52 6.02 -41.01 -7.27
CA GLU A 52 4.58 -40.96 -7.02
C GLU A 52 4.18 -39.55 -6.61
N VAL A 53 3.22 -38.97 -7.33
CA VAL A 53 2.79 -37.60 -7.10
C VAL A 53 2.23 -37.41 -5.70
N LYS A 54 2.84 -36.49 -4.95
CA LYS A 54 2.41 -36.19 -3.59
C LYS A 54 1.39 -35.06 -3.58
N SER A 55 0.69 -34.92 -2.45
CA SER A 55 -0.26 -33.83 -2.26
C SER A 55 0.00 -33.13 -0.94
N CYS A 56 1.16 -32.49 -0.83
CA CYS A 56 1.53 -31.76 0.37
C CYS A 56 2.37 -30.55 0.00
N THR A 57 2.87 -29.84 1.01
CA THR A 57 3.67 -28.65 0.78
C THR A 57 5.13 -28.89 1.08
N TRP A 58 6.00 -28.55 0.12
CA TRP A 58 7.44 -28.65 0.32
C TRP A 58 7.90 -27.58 1.30
N PRO A 59 8.52 -28.00 2.41
CA PRO A 59 8.95 -27.09 3.48
C PRO A 59 9.98 -26.07 3.02
N GLU A 60 9.77 -24.81 3.37
CA GLU A 60 10.67 -23.72 2.98
C GLU A 60 12.07 -23.93 3.55
N THR A 61 12.16 -24.57 4.70
CA THR A 61 13.45 -24.85 5.35
C THR A 61 14.36 -25.64 4.44
N HIS A 62 13.77 -26.45 3.56
CA HIS A 62 14.53 -27.25 2.62
C HIS A 62 14.36 -26.74 1.19
N THR A 63 14.07 -25.46 1.06
CA THR A 63 13.87 -24.86 -0.26
C THR A 63 14.99 -23.89 -0.61
N LEU A 64 15.62 -24.11 -1.76
CA LEU A 64 16.64 -23.20 -2.26
C LEU A 64 16.00 -22.09 -3.08
N TRP A 65 16.47 -20.87 -2.88
CA TRP A 65 16.16 -19.77 -3.78
C TRP A 65 14.66 -19.50 -3.87
N GLY A 66 14.05 -19.24 -2.72
CA GLY A 66 12.61 -19.06 -2.66
C GLY A 66 12.17 -17.67 -2.26
N ASP A 67 12.84 -16.66 -2.84
CA ASP A 67 12.55 -15.27 -2.50
C ASP A 67 11.65 -14.60 -3.52
N GLY A 68 10.54 -14.03 -3.04
CA GLY A 68 9.60 -13.28 -3.87
C GLY A 68 9.10 -14.05 -5.09
N ILE A 69 8.40 -15.16 -4.84
CA ILE A 69 7.97 -16.02 -5.93
C ILE A 69 6.46 -16.02 -6.15
N LEU A 70 6.07 -15.86 -7.40
CA LEU A 70 4.67 -16.00 -7.80
C LEU A 70 4.43 -17.45 -8.20
N GLU A 71 3.53 -18.12 -7.49
CA GLU A 71 3.31 -19.57 -7.64
C GLU A 71 2.94 -20.01 -9.05
N SER A 72 2.37 -19.10 -9.83
CA SER A 72 1.96 -19.42 -11.20
C SER A 72 3.15 -19.56 -12.14
N ASP A 73 4.34 -19.25 -11.66
CA ASP A 73 5.56 -19.35 -12.46
C ASP A 73 6.32 -20.64 -12.16
N LEU A 74 5.78 -21.43 -11.21
CA LEU A 74 6.44 -22.66 -10.79
C LEU A 74 5.93 -23.86 -11.58
N ILE A 75 6.84 -24.51 -12.30
CA ILE A 75 6.51 -25.63 -13.17
C ILE A 75 5.73 -26.73 -12.44
N ILE A 76 6.31 -27.24 -11.37
CA ILE A 76 5.63 -28.23 -10.54
C ILE A 76 4.79 -27.55 -9.47
N PRO A 77 3.46 -27.74 -9.51
CA PRO A 77 2.51 -27.12 -8.59
C PRO A 77 2.90 -27.32 -7.13
N VAL A 78 2.81 -26.25 -6.34
CA VAL A 78 3.16 -26.31 -4.93
C VAL A 78 2.22 -27.22 -4.14
N THR A 79 1.00 -27.38 -4.65
CA THR A 79 0.02 -28.26 -4.05
C THR A 79 0.41 -29.72 -4.29
N LEU A 80 1.25 -29.95 -5.29
CA LEU A 80 1.77 -31.27 -5.58
C LEU A 80 3.21 -31.43 -5.09
N ALA A 81 3.49 -30.80 -3.94
CA ALA A 81 4.81 -30.88 -3.31
C ALA A 81 5.91 -30.28 -4.18
N GLY A 82 5.54 -29.33 -5.03
CA GLY A 82 6.51 -28.59 -5.81
C GLY A 82 7.16 -27.51 -4.96
N PRO A 83 8.49 -27.43 -5.00
CA PRO A 83 9.22 -26.47 -4.17
C PRO A 83 8.96 -25.03 -4.61
N ARG A 84 8.68 -24.15 -3.66
CA ARG A 84 8.58 -22.72 -3.96
C ARG A 84 9.97 -22.18 -4.24
N SER A 85 10.53 -22.59 -5.38
CA SER A 85 11.91 -22.27 -5.72
C SER A 85 12.01 -21.76 -7.14
N ASN A 86 12.88 -20.78 -7.36
CA ASN A 86 13.14 -20.29 -8.71
C ASN A 86 13.87 -21.35 -9.55
N HIS A 87 14.32 -22.41 -8.90
CA HIS A 87 14.87 -23.56 -9.59
C HIS A 87 13.72 -24.34 -10.23
N ASN A 88 12.55 -24.26 -9.60
CA ASN A 88 11.35 -24.91 -10.10
C ASN A 88 10.69 -24.06 -11.20
N ARG A 89 11.51 -23.55 -12.11
CA ARG A 89 11.03 -22.68 -13.18
C ARG A 89 11.66 -23.04 -14.51
N ARG A 90 10.98 -22.65 -15.59
CA ARG A 90 11.49 -22.83 -16.93
C ARG A 90 10.89 -21.76 -17.84
N PRO A 91 11.75 -21.06 -18.59
CA PRO A 91 11.32 -20.00 -19.51
C PRO A 91 10.28 -20.49 -20.51
N GLY A 92 9.19 -19.75 -20.65
CA GLY A 92 8.17 -20.06 -21.63
C GLY A 92 7.05 -20.95 -21.12
N TYR A 93 7.08 -21.27 -19.83
CA TYR A 93 6.09 -22.18 -19.26
C TYR A 93 5.56 -21.71 -17.91
N LYS A 94 4.25 -21.63 -17.80
CA LYS A 94 3.61 -21.32 -16.52
C LYS A 94 3.40 -22.61 -15.73
N THR A 95 2.76 -22.49 -14.58
CA THR A 95 2.54 -23.65 -13.71
C THR A 95 1.74 -24.73 -14.42
N GLN A 96 2.13 -25.98 -14.19
CA GLN A 96 1.53 -27.11 -14.89
C GLN A 96 0.44 -27.77 -14.04
N ASN A 97 -0.62 -27.01 -13.78
CA ASN A 97 -1.74 -27.50 -12.98
C ASN A 97 -2.48 -28.66 -13.63
N GLN A 98 -2.44 -28.72 -14.96
CA GLN A 98 -3.14 -29.76 -15.71
C GLN A 98 -2.19 -30.74 -16.39
N GLY A 99 -1.16 -31.16 -15.66
CA GLY A 99 -0.24 -32.18 -16.15
C GLY A 99 -0.78 -33.56 -15.86
N PRO A 100 -0.19 -34.60 -16.45
CA PRO A 100 -0.63 -35.97 -16.20
C PRO A 100 -0.21 -36.44 -14.81
N TRP A 101 -0.87 -35.91 -13.79
CA TRP A 101 -0.52 -36.23 -12.41
C TRP A 101 -1.26 -37.47 -11.89
N ASP A 102 -2.23 -37.94 -12.66
CA ASP A 102 -3.02 -39.09 -12.25
C ASP A 102 -2.55 -40.37 -12.95
N GLU A 103 -1.36 -40.33 -13.51
CA GLU A 103 -0.79 -41.48 -14.21
C GLU A 103 0.18 -42.24 -13.31
N GLY A 104 0.23 -41.84 -12.05
CA GLY A 104 1.15 -42.45 -11.11
C GLY A 104 2.54 -41.85 -11.21
N ARG A 105 3.47 -42.62 -11.77
CA ARG A 105 4.83 -42.13 -11.99
C ARG A 105 4.87 -41.19 -13.19
N VAL A 106 5.56 -40.06 -13.02
CA VAL A 106 5.69 -39.09 -14.10
C VAL A 106 7.08 -38.45 -14.07
N GLU A 107 7.70 -38.31 -15.24
CA GLU A 107 9.01 -37.68 -15.33
C GLU A 107 9.01 -36.51 -16.31
N ILE A 108 9.25 -35.32 -15.78
CA ILE A 108 9.34 -34.12 -16.59
C ILE A 108 10.78 -33.88 -17.03
N ASP A 109 10.96 -33.51 -18.29
CA ASP A 109 12.25 -33.03 -18.76
C ASP A 109 12.04 -32.13 -19.96
N PHE A 110 13.10 -31.78 -20.67
CA PHE A 110 12.97 -30.88 -21.80
C PHE A 110 13.65 -31.41 -23.05
N ASP A 111 12.87 -32.13 -23.84
CA ASP A 111 13.33 -32.79 -25.05
C ASP A 111 12.08 -33.13 -25.84
N TYR A 112 12.27 -33.65 -27.05
CA TYR A 112 11.13 -33.96 -27.91
C TYR A 112 10.67 -35.41 -27.72
N CYS A 113 9.36 -35.61 -27.76
CA CYS A 113 8.81 -36.95 -27.78
C CYS A 113 9.14 -37.58 -29.13
N PRO A 114 9.49 -38.87 -29.13
CA PRO A 114 9.92 -39.55 -30.35
C PRO A 114 8.87 -39.48 -31.47
N GLY A 115 9.29 -38.97 -32.63
CA GLY A 115 8.41 -38.89 -33.78
C GLY A 115 7.61 -37.61 -33.85
N THR A 116 7.80 -36.74 -32.87
CA THR A 116 7.04 -35.50 -32.79
C THR A 116 7.92 -34.27 -32.99
N THR A 117 7.28 -33.16 -33.36
CA THR A 117 7.97 -31.88 -33.54
C THR A 117 7.13 -30.75 -32.94
N VAL A 118 7.80 -29.73 -32.42
CA VAL A 118 7.11 -28.58 -31.83
C VAL A 118 7.53 -27.29 -32.53
N THR A 119 6.54 -26.49 -32.93
CA THR A 119 6.79 -25.26 -33.68
C THR A 119 6.20 -24.04 -32.98
N LEU A 120 6.90 -22.91 -33.02
CA LEU A 120 6.35 -21.67 -32.49
C LEU A 120 5.44 -20.98 -33.51
N SER A 121 4.22 -20.69 -33.09
CA SER A 121 3.27 -19.98 -33.94
C SER A 121 2.17 -19.34 -33.11
N GLU A 122 1.80 -18.10 -33.46
CA GLU A 122 0.74 -17.40 -32.76
C GLU A 122 -0.61 -18.02 -33.11
N SER A 123 -0.63 -18.76 -34.21
CA SER A 123 -1.83 -19.44 -34.67
C SER A 123 -2.22 -20.60 -33.76
N CYS A 124 -1.22 -21.18 -33.10
CA CYS A 124 -1.43 -22.36 -32.27
C CYS A 124 -2.46 -22.12 -31.17
N GLY A 125 -3.10 -23.20 -30.74
CA GLY A 125 -4.12 -23.11 -29.70
C GLY A 125 -3.52 -22.65 -28.38
N HIS A 126 -4.35 -22.02 -27.56
CA HIS A 126 -3.92 -21.59 -26.23
C HIS A 126 -3.71 -22.81 -25.34
N ARG A 127 -2.99 -22.63 -24.25
CA ARG A 127 -2.62 -23.74 -23.39
C ARG A 127 -3.85 -24.45 -22.82
N GLY A 128 -3.78 -25.77 -22.75
CA GLY A 128 -4.87 -26.58 -22.24
C GLY A 128 -4.35 -27.76 -21.45
N PRO A 129 -5.21 -28.76 -21.21
CA PRO A 129 -4.78 -29.97 -20.49
C PRO A 129 -3.68 -30.70 -21.24
N ALA A 130 -2.74 -31.30 -20.50
CA ALA A 130 -1.61 -31.99 -21.10
C ALA A 130 -2.07 -33.15 -21.97
N THR A 131 -1.69 -33.10 -23.24
CA THR A 131 -2.10 -34.13 -24.20
C THR A 131 -0.98 -35.13 -24.45
N ARG A 132 -1.34 -36.40 -24.48
CA ARG A 132 -0.38 -37.47 -24.78
C ARG A 132 -0.14 -37.52 -26.28
N THR A 133 1.05 -37.96 -26.67
CA THR A 133 1.41 -37.99 -28.09
C THR A 133 0.73 -39.13 -28.84
N THR A 134 0.20 -40.09 -28.10
CA THR A 134 -0.54 -41.19 -28.71
C THR A 134 -2.02 -41.12 -28.35
N THR A 135 -2.87 -41.42 -29.33
CA THR A 135 -4.32 -41.40 -29.12
C THR A 135 -4.76 -42.61 -28.29
N GLU A 136 -6.06 -42.73 -28.08
CA GLU A 136 -6.61 -43.88 -27.36
C GLU A 136 -6.43 -45.15 -28.19
N SER A 137 -6.47 -44.99 -29.51
CA SER A 137 -6.26 -46.10 -30.42
C SER A 137 -4.78 -46.46 -30.52
N GLY A 138 -3.93 -45.53 -30.10
CA GLY A 138 -2.50 -45.76 -30.12
C GLY A 138 -1.80 -45.05 -31.27
N LYS A 139 -2.57 -44.30 -32.04
CA LYS A 139 -2.02 -43.57 -33.19
C LYS A 139 -1.19 -42.37 -32.72
N LEU A 140 -0.03 -42.19 -33.35
CA LEU A 140 0.90 -41.12 -32.97
C LEU A 140 0.54 -39.79 -33.60
N ILE A 141 0.62 -38.73 -32.78
CA ILE A 141 0.42 -37.37 -33.26
C ILE A 141 1.78 -36.71 -33.46
N THR A 142 2.09 -36.35 -34.71
CA THR A 142 3.43 -35.90 -35.05
C THR A 142 3.63 -34.39 -34.96
N ASP A 143 2.64 -33.61 -35.40
CA ASP A 143 2.81 -32.17 -35.49
C ASP A 143 2.21 -31.41 -34.29
N TRP A 144 3.08 -30.77 -33.53
CA TRP A 144 2.68 -30.00 -32.36
C TRP A 144 3.15 -28.55 -32.49
N CYS A 145 2.61 -27.68 -31.65
CA CYS A 145 2.99 -26.26 -31.69
C CYS A 145 2.81 -25.58 -30.34
N CYS A 146 3.19 -24.30 -30.29
CA CYS A 146 3.01 -23.48 -29.09
C CYS A 146 3.06 -22.00 -29.46
N ARG A 147 2.45 -21.17 -28.62
CA ARG A 147 2.39 -19.73 -28.91
C ARG A 147 3.62 -18.97 -28.41
N SER A 148 3.96 -19.14 -27.14
CA SER A 148 5.04 -18.35 -26.54
C SER A 148 5.96 -19.17 -25.64
N CYS A 149 6.12 -20.46 -25.95
CA CYS A 149 7.00 -21.31 -25.14
C CYS A 149 8.43 -21.27 -25.68
N THR A 150 9.32 -21.97 -24.99
CA THR A 150 10.71 -22.07 -25.42
C THR A 150 11.08 -23.52 -25.72
N LEU A 151 12.16 -23.70 -26.48
CA LEU A 151 12.60 -25.03 -26.88
C LEU A 151 13.95 -25.38 -26.26
N PRO A 152 14.21 -26.67 -25.99
CA PRO A 152 13.37 -27.86 -26.22
C PRO A 152 12.10 -27.87 -25.37
N PRO A 153 11.03 -28.54 -25.87
CA PRO A 153 9.70 -28.53 -25.26
C PRO A 153 9.61 -29.28 -23.93
N LEU A 154 8.67 -28.86 -23.09
CA LEU A 154 8.40 -29.53 -21.83
C LEU A 154 7.76 -30.88 -22.13
N ARG A 155 8.36 -31.93 -21.60
CA ARG A 155 7.94 -33.29 -21.91
C ARG A 155 7.68 -34.11 -20.65
N TYR A 156 6.52 -34.76 -20.60
CA TYR A 156 6.21 -35.70 -19.54
C TYR A 156 6.46 -37.13 -20.04
N GLN A 157 6.82 -38.02 -19.12
CA GLN A 157 6.92 -39.44 -19.43
C GLN A 157 6.28 -40.27 -18.33
N THR A 158 5.23 -40.99 -18.70
CA THR A 158 4.53 -41.87 -17.78
C THR A 158 4.51 -43.30 -18.33
N ASP A 159 3.98 -44.24 -17.57
CA ASP A 159 3.95 -45.64 -17.98
C ASP A 159 3.04 -45.86 -19.18
N SER A 160 2.15 -44.91 -19.45
CA SER A 160 1.18 -45.05 -20.55
C SER A 160 1.60 -44.33 -21.83
N GLY A 161 2.72 -43.61 -21.78
CA GLY A 161 3.21 -42.92 -22.95
C GLY A 161 3.95 -41.61 -22.68
N CYS A 162 4.07 -40.80 -23.72
CA CYS A 162 4.79 -39.52 -23.64
C CYS A 162 3.84 -38.34 -23.83
N TRP A 163 3.98 -37.33 -22.99
CA TRP A 163 3.08 -36.19 -23.00
C TRP A 163 3.85 -34.89 -23.23
N TYR A 164 3.13 -33.83 -23.58
CA TYR A 164 3.72 -32.50 -23.73
C TYR A 164 3.13 -31.53 -22.70
N GLY A 165 3.86 -30.46 -22.42
CA GLY A 165 3.40 -29.45 -21.48
C GLY A 165 2.11 -28.78 -21.94
N MET A 166 1.42 -28.15 -20.99
CA MET A 166 0.15 -27.50 -21.25
C MET A 166 0.20 -26.49 -22.40
N GLU A 167 1.29 -25.74 -22.47
CA GLU A 167 1.49 -24.73 -23.50
C GLU A 167 1.49 -25.33 -24.89
N ILE A 168 1.95 -26.57 -25.00
CA ILE A 168 2.09 -27.25 -26.29
C ILE A 168 0.82 -27.97 -26.71
N ARG A 169 0.26 -27.58 -27.85
CA ARG A 169 -0.96 -28.17 -28.37
C ARG A 169 -0.69 -28.83 -29.72
N PRO A 170 -1.51 -29.82 -30.10
CA PRO A 170 -1.37 -30.45 -31.43
C PRO A 170 -1.60 -29.42 -32.53
N GLN A 171 -0.64 -29.31 -33.46
CA GLN A 171 -0.73 -28.35 -34.55
C GLN A 171 -1.95 -28.62 -35.41
N ARG A 172 -2.11 -29.87 -35.83
CA ARG A 172 -3.36 -30.29 -36.44
C ARG A 172 -4.44 -30.25 -35.37
N HIS A 173 -5.05 -29.07 -35.20
CA HIS A 173 -6.10 -28.85 -34.20
C HIS A 173 -7.22 -29.89 -34.29
N ASP A 174 -7.23 -30.62 -35.41
CA ASP A 174 -8.29 -31.56 -35.71
C ASP A 174 -7.91 -33.00 -35.39
N GLU A 175 -7.70 -33.29 -34.11
CA GLU A 175 -7.46 -34.66 -33.69
C GLU A 175 -8.72 -35.19 -33.01
N LYS A 176 -9.07 -36.44 -33.32
CA LYS A 176 -10.34 -37.01 -32.88
C LYS A 176 -10.32 -37.51 -31.43
N THR A 177 -9.50 -38.52 -31.17
CA THR A 177 -9.46 -39.14 -29.86
C THR A 177 -8.20 -38.79 -29.08
N LEU A 178 -8.25 -37.68 -28.34
CA LEU A 178 -7.11 -37.23 -27.56
C LEU A 178 -7.10 -37.79 -26.15
N VAL A 179 -5.92 -38.20 -25.69
CA VAL A 179 -5.73 -38.60 -24.30
C VAL A 179 -5.17 -37.41 -23.53
N GLN A 180 -6.03 -36.76 -22.75
CA GLN A 180 -5.63 -35.56 -22.03
C GLN A 180 -5.80 -35.71 -20.53
N SER A 181 -5.02 -34.95 -19.78
CA SER A 181 -5.10 -34.98 -18.32
C SER A 181 -6.45 -34.47 -17.84
N GLN A 182 -7.00 -35.12 -16.83
CA GLN A 182 -8.30 -34.73 -16.29
C GLN A 182 -8.17 -34.11 -14.91
N VAL A 183 -6.93 -33.96 -14.45
CA VAL A 183 -6.69 -33.40 -13.12
C VAL A 183 -6.37 -31.91 -13.22
N ASN A 184 -6.81 -31.14 -12.23
CA ASN A 184 -6.53 -29.71 -12.18
C ASN A 184 -6.05 -29.30 -10.80
N ALA A 185 -4.74 -29.17 -10.64
CA ALA A 185 -4.15 -28.82 -9.37
C ALA A 185 -3.83 -27.33 -9.29
N THR B 9 27.82 -5.10 -2.09
CA THR B 9 27.40 -4.47 -3.35
C THR B 9 27.60 -5.43 -4.53
N THR B 10 28.58 -6.33 -4.41
CA THR B 10 28.85 -7.33 -5.43
C THR B 10 28.50 -8.73 -4.93
N GLU B 11 28.41 -9.69 -5.86
CA GLU B 11 28.01 -11.04 -5.52
C GLU B 11 29.20 -12.02 -5.48
N CYS B 12 29.14 -12.97 -4.55
CA CYS B 12 30.21 -13.94 -4.35
C CYS B 12 30.36 -14.89 -5.54
N ASP B 13 31.55 -15.47 -5.66
CA ASP B 13 31.83 -16.48 -6.69
C ASP B 13 31.05 -17.75 -6.39
N SER B 14 30.18 -18.14 -7.32
CA SER B 14 29.32 -19.29 -7.12
C SER B 14 29.89 -20.56 -7.76
N LYS B 15 31.18 -20.55 -8.06
CA LYS B 15 31.83 -21.71 -8.64
C LYS B 15 32.36 -22.63 -7.54
N ILE B 16 32.73 -22.03 -6.41
CA ILE B 16 33.33 -22.77 -5.30
C ILE B 16 32.36 -22.94 -4.14
N ILE B 17 31.06 -22.92 -4.45
CA ILE B 17 30.04 -22.90 -3.42
C ILE B 17 29.21 -24.19 -3.36
N GLY B 18 28.77 -24.55 -2.15
CA GLY B 18 27.98 -25.73 -1.93
C GLY B 18 27.04 -25.56 -0.74
N THR B 19 25.74 -25.65 -1.00
CA THR B 19 24.73 -25.56 0.05
C THR B 19 23.89 -26.83 0.08
N ALA B 20 23.73 -27.41 1.26
CA ALA B 20 23.03 -28.68 1.39
C ALA B 20 22.34 -28.87 2.73
N VAL B 21 21.09 -29.30 2.69
CA VAL B 21 20.38 -29.68 3.90
C VAL B 21 19.90 -31.14 3.80
N LYS B 22 20.19 -31.91 4.83
CA LYS B 22 19.78 -33.31 4.87
C LYS B 22 19.40 -33.66 6.30
N ASN B 23 18.23 -34.26 6.45
CA ASN B 23 17.68 -34.57 7.77
C ASN B 23 17.54 -33.32 8.64
N ASN B 24 18.35 -33.25 9.70
CA ASN B 24 18.24 -32.18 10.68
C ASN B 24 19.40 -31.19 10.63
N LEU B 25 20.23 -31.30 9.59
CA LEU B 25 21.41 -30.46 9.49
C LEU B 25 21.45 -29.68 8.18
N ALA B 26 21.71 -28.38 8.27
CA ALA B 26 21.78 -27.51 7.09
C ALA B 26 23.11 -26.77 7.03
N ILE B 27 23.73 -26.78 5.85
CA ILE B 27 25.05 -26.18 5.69
C ILE B 27 25.17 -25.31 4.43
N HIS B 28 25.43 -24.02 4.64
CA HIS B 28 25.80 -23.12 3.55
C HIS B 28 27.31 -22.96 3.56
N SER B 29 28.00 -23.45 2.54
CA SER B 29 29.45 -23.40 2.57
C SER B 29 30.11 -22.98 1.25
N ASP B 30 31.35 -22.54 1.36
CA ASP B 30 32.26 -22.47 0.21
C ASP B 30 33.67 -22.78 0.70
N LEU B 31 34.67 -22.24 0.01
CA LEU B 31 36.06 -22.52 0.35
C LEU B 31 36.47 -21.89 1.70
N SER B 32 35.87 -20.74 2.02
CA SER B 32 36.20 -20.05 3.26
C SER B 32 35.13 -20.22 4.33
N TYR B 33 33.87 -20.16 3.92
CA TYR B 33 32.76 -20.19 4.85
C TYR B 33 32.19 -21.59 5.06
N TRP B 34 31.77 -21.87 6.29
CA TRP B 34 31.08 -23.10 6.63
C TRP B 34 30.03 -22.77 7.68
N ILE B 35 28.80 -22.52 7.21
CA ILE B 35 27.72 -22.04 8.06
C ILE B 35 26.68 -23.12 8.32
N GLU B 36 26.68 -23.62 9.54
CA GLU B 36 25.87 -24.76 9.95
C GLU B 36 24.74 -24.38 10.91
N SER B 37 23.52 -24.67 10.50
CA SER B 37 22.35 -24.53 11.35
C SER B 37 21.75 -25.91 11.57
N ARG B 38 21.22 -26.15 12.76
CA ARG B 38 20.69 -27.47 13.11
C ARG B 38 19.27 -27.37 13.66
N LEU B 39 18.48 -28.43 13.44
CA LEU B 39 17.17 -28.53 14.06
C LEU B 39 17.24 -29.27 15.40
N ASN B 40 17.20 -28.49 16.47
CA ASN B 40 17.02 -29.02 17.80
C ASN B 40 16.02 -28.11 18.50
N ASP B 41 14.84 -28.64 18.77
CA ASP B 41 13.68 -27.85 19.19
C ASP B 41 13.20 -26.93 18.06
N THR B 42 14.09 -26.06 17.59
CA THR B 42 13.82 -25.21 16.44
C THR B 42 15.03 -25.13 15.51
N TRP B 43 14.84 -24.64 14.29
CA TRP B 43 15.94 -24.41 13.37
C TRP B 43 16.67 -23.11 13.71
N LYS B 44 17.93 -23.22 14.08
CA LYS B 44 18.74 -22.05 14.40
C LYS B 44 20.21 -22.26 14.08
N LEU B 45 20.95 -21.15 13.97
CA LEU B 45 22.38 -21.22 13.69
C LEU B 45 23.11 -21.93 14.81
N GLU B 46 23.95 -22.90 14.47
CA GLU B 46 24.70 -23.65 15.46
C GLU B 46 26.17 -23.24 15.46
N ARG B 47 26.75 -23.11 14.27
CA ARG B 47 28.18 -22.78 14.18
C ARG B 47 28.55 -22.23 12.81
N ALA B 48 29.33 -21.15 12.79
CA ALA B 48 29.80 -20.57 11.53
C ALA B 48 31.31 -20.44 11.53
N VAL B 49 31.97 -21.12 10.60
CA VAL B 49 33.41 -21.01 10.46
C VAL B 49 33.77 -20.10 9.29
N LEU B 50 34.42 -18.99 9.59
CA LEU B 50 34.83 -18.04 8.57
C LEU B 50 36.36 -18.01 8.48
N GLY B 51 36.90 -18.78 7.53
CA GLY B 51 38.34 -18.86 7.33
C GLY B 51 38.93 -17.49 7.05
N GLU B 52 38.23 -16.74 6.20
CA GLU B 52 38.56 -15.34 5.96
C GLU B 52 37.30 -14.58 5.57
N VAL B 53 37.02 -13.51 6.31
CA VAL B 53 35.80 -12.72 6.12
C VAL B 53 35.73 -12.13 4.71
N LYS B 54 34.66 -12.47 3.99
CA LYS B 54 34.45 -11.96 2.65
C LYS B 54 33.64 -10.67 2.66
N SER B 55 33.66 -9.97 1.53
CA SER B 55 32.85 -8.75 1.37
C SER B 55 32.08 -8.81 0.06
N CYS B 56 31.15 -9.75 -0.01
CA CYS B 56 30.31 -9.91 -1.20
C CYS B 56 28.93 -10.40 -0.79
N THR B 57 28.08 -10.69 -1.77
CA THR B 57 26.73 -11.14 -1.51
C THR B 57 26.57 -12.62 -1.81
N TRP B 58 26.04 -13.36 -0.84
CA TRP B 58 25.73 -14.77 -1.04
C TRP B 58 24.54 -14.92 -1.99
N PRO B 59 24.75 -15.63 -3.10
CA PRO B 59 23.74 -15.80 -4.15
C PRO B 59 22.50 -16.52 -3.65
N GLU B 60 21.33 -15.97 -3.96
CA GLU B 60 20.05 -16.55 -3.55
C GLU B 60 19.85 -17.95 -4.11
N THR B 61 20.41 -18.20 -5.30
CA THR B 61 20.32 -19.51 -5.93
C THR B 61 20.87 -20.61 -5.04
N HIS B 62 21.82 -20.27 -4.19
CA HIS B 62 22.42 -21.22 -3.27
C HIS B 62 22.02 -20.92 -1.83
N THR B 63 20.86 -20.30 -1.67
CA THR B 63 20.37 -19.96 -0.33
C THR B 63 19.14 -20.77 0.06
N LEU B 64 19.23 -21.43 1.21
CA LEU B 64 18.10 -22.18 1.73
C LEU B 64 17.22 -21.26 2.57
N TRP B 65 15.90 -21.39 2.42
CA TRP B 65 14.95 -20.81 3.34
C TRP B 65 15.10 -19.29 3.43
N GLY B 66 14.97 -18.62 2.29
CA GLY B 66 15.19 -17.18 2.23
C GLY B 66 13.95 -16.39 1.87
N ASP B 67 12.83 -16.76 2.47
CA ASP B 67 11.56 -16.11 2.17
C ASP B 67 11.18 -15.07 3.22
N GLY B 68 10.92 -13.84 2.75
CA GLY B 68 10.48 -12.75 3.59
C GLY B 68 11.38 -12.47 4.78
N ILE B 69 12.62 -12.09 4.51
CA ILE B 69 13.61 -11.92 5.56
C ILE B 69 14.01 -10.46 5.78
N LEU B 70 14.00 -10.05 7.04
CA LEU B 70 14.52 -8.74 7.43
C LEU B 70 16.00 -8.89 7.78
N GLU B 71 16.86 -8.20 7.04
CA GLU B 71 18.31 -8.39 7.16
C GLU B 71 18.88 -8.15 8.56
N SER B 72 18.18 -7.36 9.36
CA SER B 72 18.64 -7.05 10.71
C SER B 72 18.47 -8.24 11.66
N ASP B 73 17.84 -9.30 11.18
CA ASP B 73 17.65 -10.50 11.99
C ASP B 73 18.67 -11.58 11.65
N LEU B 74 19.55 -11.28 10.69
CA LEU B 74 20.54 -12.23 10.23
C LEU B 74 21.86 -12.07 10.99
N ILE B 75 22.26 -13.13 11.70
CA ILE B 75 23.46 -13.11 12.53
C ILE B 75 24.69 -12.65 11.77
N ILE B 76 25.02 -13.34 10.68
CA ILE B 76 26.12 -12.95 9.83
C ILE B 76 25.65 -11.96 8.76
N PRO B 77 26.20 -10.73 8.80
CA PRO B 77 25.83 -9.64 7.89
C PRO B 77 25.88 -10.06 6.43
N VAL B 78 24.85 -9.69 5.66
CA VAL B 78 24.78 -10.04 4.25
C VAL B 78 25.88 -9.37 3.45
N THR B 79 26.37 -8.25 3.95
CA THR B 79 27.47 -7.54 3.31
C THR B 79 28.79 -8.29 3.52
N LEU B 80 28.79 -9.18 4.51
CA LEU B 80 29.94 -10.03 4.76
C LEU B 80 29.70 -11.45 4.27
N ALA B 81 29.00 -11.56 3.14
CA ALA B 81 28.69 -12.85 2.52
C ALA B 81 27.84 -13.75 3.41
N GLY B 82 27.04 -13.14 4.29
CA GLY B 82 26.10 -13.88 5.09
C GLY B 82 24.87 -14.20 4.27
N PRO B 83 24.43 -15.47 4.32
CA PRO B 83 23.27 -15.91 3.52
C PRO B 83 21.98 -15.28 4.00
N ARG B 84 21.18 -14.76 3.08
CA ARG B 84 19.84 -14.29 3.40
C ARG B 84 18.95 -15.48 3.72
N SER B 85 19.22 -16.13 4.84
CA SER B 85 18.56 -17.38 5.19
C SER B 85 18.08 -17.35 6.63
N ASN B 86 16.91 -17.93 6.88
CA ASN B 86 16.42 -18.05 8.25
C ASN B 86 17.25 -19.04 9.07
N HIS B 87 18.12 -19.76 8.38
CA HIS B 87 19.12 -20.60 9.04
C HIS B 87 20.19 -19.71 9.65
N ASN B 88 20.41 -18.55 9.03
CA ASN B 88 21.37 -17.56 9.50
C ASN B 88 20.77 -16.71 10.61
N ARG B 89 20.07 -17.37 11.54
CA ARG B 89 19.40 -16.67 12.63
C ARG B 89 19.61 -17.37 13.96
N ARG B 90 19.45 -16.63 15.04
CA ARG B 90 19.52 -17.17 16.39
C ARG B 90 18.69 -16.32 17.32
N PRO B 91 17.80 -16.95 18.10
CA PRO B 91 16.92 -16.25 19.04
C PRO B 91 17.69 -15.40 20.03
N GLY B 92 17.28 -14.14 20.18
CA GLY B 92 17.89 -13.24 21.15
C GLY B 92 19.02 -12.41 20.60
N TYR B 93 19.30 -12.52 19.31
CA TYR B 93 20.41 -11.80 18.71
C TYR B 93 20.06 -11.17 17.38
N LYS B 94 20.33 -9.88 17.25
CA LYS B 94 20.17 -9.17 15.99
C LYS B 94 21.44 -9.31 15.16
N THR B 95 21.48 -8.66 14.01
CA THR B 95 22.62 -8.76 13.11
C THR B 95 23.90 -8.28 13.79
N GLN B 96 24.99 -8.99 13.53
CA GLN B 96 26.27 -8.72 14.18
C GLN B 96 27.16 -7.84 13.31
N ASN B 97 26.72 -6.60 13.07
CA ASN B 97 27.47 -5.67 12.25
C ASN B 97 28.80 -5.27 12.87
N GLN B 98 28.88 -5.32 14.20
CA GLN B 98 30.09 -4.93 14.90
C GLN B 98 30.80 -6.12 15.56
N GLY B 99 30.91 -7.22 14.83
CA GLY B 99 31.65 -8.38 15.30
C GLY B 99 33.12 -8.22 14.97
N PRO B 100 33.97 -9.08 15.54
CA PRO B 100 35.41 -9.02 15.25
C PRO B 100 35.71 -9.54 13.85
N TRP B 101 35.36 -8.76 12.82
CA TRP B 101 35.53 -9.19 11.44
C TRP B 101 36.90 -8.80 10.90
N ASP B 102 37.64 -8.00 11.65
CA ASP B 102 38.94 -7.54 11.20
C ASP B 102 40.07 -8.33 11.86
N GLU B 103 39.72 -9.48 12.42
CA GLU B 103 40.70 -10.34 13.09
C GLU B 103 41.15 -11.47 12.18
N GLY B 104 40.71 -11.42 10.93
CA GLY B 104 41.03 -12.46 9.98
C GLY B 104 40.09 -13.64 10.10
N ARG B 105 40.58 -14.74 10.65
CA ARG B 105 39.76 -15.92 10.88
C ARG B 105 38.87 -15.71 12.10
N VAL B 106 37.60 -16.07 11.97
CA VAL B 106 36.65 -15.94 13.07
C VAL B 106 35.67 -17.10 13.07
N GLU B 107 35.41 -17.66 14.24
CA GLU B 107 34.45 -18.76 14.36
C GLU B 107 33.35 -18.46 15.37
N ILE B 108 32.12 -18.37 14.88
CA ILE B 108 30.96 -18.13 15.72
C ILE B 108 30.35 -19.45 16.18
N ASP B 109 29.99 -19.53 17.45
CA ASP B 109 29.19 -20.65 17.94
C ASP B 109 28.41 -20.20 19.16
N PHE B 110 27.81 -21.14 19.88
CA PHE B 110 27.01 -20.77 21.03
C PHE B 110 27.37 -21.58 22.27
N ASP B 111 28.30 -21.01 23.04
CA ASP B 111 28.85 -21.65 24.22
C ASP B 111 29.54 -20.54 25.01
N TYR B 112 30.01 -20.86 26.21
CA TYR B 112 30.65 -19.86 27.05
C TYR B 112 32.15 -19.80 26.82
N CYS B 113 32.70 -18.59 26.84
CA CYS B 113 34.15 -18.42 26.82
C CYS B 113 34.70 -18.90 28.15
N PRO B 114 35.85 -19.59 28.12
CA PRO B 114 36.43 -20.19 29.33
C PRO B 114 36.67 -19.18 30.45
N GLY B 115 36.11 -19.44 31.62
CA GLY B 115 36.29 -18.58 32.77
C GLY B 115 35.27 -17.46 32.87
N THR B 116 34.36 -17.40 31.91
CA THR B 116 33.37 -16.33 31.88
C THR B 116 31.95 -16.86 32.11
N THR B 117 31.06 -15.94 32.51
CA THR B 117 29.65 -16.27 32.72
C THR B 117 28.77 -15.16 32.16
N VAL B 118 27.59 -15.53 31.67
CA VAL B 118 26.66 -14.55 31.11
C VAL B 118 25.31 -14.60 31.84
N THR B 119 24.83 -13.44 32.26
CA THR B 119 23.60 -13.36 33.04
C THR B 119 22.57 -12.45 32.37
N LEU B 120 21.29 -12.82 32.46
CA LEU B 120 20.22 -11.97 31.96
C LEU B 120 19.84 -10.91 32.98
N SER B 121 19.86 -9.65 32.58
CA SER B 121 19.45 -8.55 33.44
C SER B 121 19.10 -7.31 32.62
N GLU B 122 18.03 -6.63 32.99
CA GLU B 122 17.62 -5.41 32.31
C GLU B 122 18.59 -4.29 32.65
N SER B 123 19.34 -4.47 33.73
CA SER B 123 20.33 -3.49 34.16
C SER B 123 21.52 -3.43 33.21
N CYS B 124 21.80 -4.54 32.54
CA CYS B 124 22.97 -4.66 31.68
C CYS B 124 22.99 -3.60 30.58
N GLY B 125 24.18 -3.26 30.12
CA GLY B 125 24.34 -2.27 29.08
C GLY B 125 23.71 -2.71 27.77
N HIS B 126 23.31 -1.74 26.97
CA HIS B 126 22.73 -2.03 25.66
C HIS B 126 23.82 -2.55 24.74
N ARG B 127 23.42 -3.20 23.65
CA ARG B 127 24.37 -3.84 22.75
C ARG B 127 25.36 -2.84 22.16
N GLY B 128 26.62 -3.27 22.06
CA GLY B 128 27.67 -2.43 21.52
C GLY B 128 28.65 -3.25 20.70
N PRO B 129 29.84 -2.70 20.43
CA PRO B 129 30.87 -3.43 19.68
C PRO B 129 31.30 -4.69 20.41
N ALA B 130 31.58 -5.75 19.66
CA ALA B 130 31.98 -7.03 20.24
C ALA B 130 33.25 -6.90 21.08
N THR B 131 33.13 -7.26 22.36
CA THR B 131 34.25 -7.15 23.28
C THR B 131 34.92 -8.49 23.51
N ARG B 132 36.25 -8.49 23.50
CA ARG B 132 37.02 -9.69 23.77
C ARG B 132 37.05 -9.95 25.27
N THR B 133 37.15 -11.21 25.66
CA THR B 133 37.14 -11.58 27.08
C THR B 133 38.44 -11.23 27.80
N THR B 134 39.49 -10.97 27.03
CA THR B 134 40.76 -10.55 27.60
C THR B 134 41.08 -9.11 27.23
N THR B 135 41.62 -8.36 28.20
CA THR B 135 41.99 -6.97 27.98
C THR B 135 43.24 -6.87 27.12
N GLU B 136 43.71 -5.64 26.91
CA GLU B 136 44.94 -5.42 26.15
C GLU B 136 46.13 -5.94 26.95
N SER B 137 46.03 -5.87 28.27
CA SER B 137 47.08 -6.36 29.15
C SER B 137 47.03 -7.89 29.26
N GLY B 138 45.89 -8.46 28.87
CA GLY B 138 45.72 -9.90 28.88
C GLY B 138 44.89 -10.39 30.04
N LYS B 139 44.38 -9.45 30.84
CA LYS B 139 43.57 -9.79 32.00
C LYS B 139 42.18 -10.26 31.58
N LEU B 140 41.71 -11.33 32.22
CA LEU B 140 40.44 -11.94 31.86
C LEU B 140 39.25 -11.24 32.52
N ILE B 141 38.19 -11.03 31.74
CA ILE B 141 36.95 -10.47 32.26
C ILE B 141 35.95 -11.61 32.48
N THR B 142 35.56 -11.81 33.73
CA THR B 142 34.78 -12.98 34.11
C THR B 142 33.26 -12.77 34.05
N ASP B 143 32.80 -11.61 34.51
CA ASP B 143 31.36 -11.38 34.64
C ASP B 143 30.77 -10.60 33.46
N TRP B 144 29.89 -11.27 32.72
CA TRP B 144 29.22 -10.67 31.57
C TRP B 144 27.71 -10.73 31.75
N CYS B 145 26.98 -9.97 30.93
CA CYS B 145 25.52 -9.96 31.01
C CYS B 145 24.87 -9.59 29.68
N CYS B 146 23.54 -9.62 29.65
CA CYS B 146 22.77 -9.22 28.49
C CYS B 146 21.34 -8.88 28.89
N ARG B 147 20.67 -8.06 28.08
CA ARG B 147 19.31 -7.62 28.41
C ARG B 147 18.24 -8.59 27.94
N SER B 148 18.28 -8.97 26.66
CA SER B 148 17.22 -9.79 26.09
C SER B 148 17.73 -10.90 25.17
N CYS B 149 18.93 -11.40 25.45
CA CYS B 149 19.49 -12.47 24.62
C CYS B 149 19.09 -13.83 25.16
N THR B 150 19.52 -14.88 24.46
CA THR B 150 19.24 -16.25 24.89
C THR B 150 20.54 -17.00 25.15
N LEU B 151 20.46 -18.08 25.91
CA LEU B 151 21.63 -18.86 26.28
C LEU B 151 21.57 -20.26 25.65
N PRO B 152 22.75 -20.85 25.34
CA PRO B 152 24.12 -20.36 25.54
C PRO B 152 24.46 -19.14 24.68
N PRO B 153 25.40 -18.31 25.15
CA PRO B 153 25.72 -17.01 24.54
C PRO B 153 26.43 -17.12 23.19
N LEU B 154 26.25 -16.09 22.36
CA LEU B 154 26.94 -16.00 21.08
C LEU B 154 28.43 -15.75 21.34
N ARG B 155 29.26 -16.62 20.79
CA ARG B 155 30.70 -16.58 21.05
C ARG B 155 31.52 -16.55 19.77
N TYR B 156 32.45 -15.61 19.70
CA TYR B 156 33.42 -15.55 18.61
C TYR B 156 34.73 -16.16 19.06
N GLN B 157 35.47 -16.74 18.13
CA GLN B 157 36.81 -17.24 18.41
C GLN B 157 37.76 -16.84 17.28
N THR B 158 38.74 -16.02 17.63
CA THR B 158 39.75 -15.58 16.67
C THR B 158 41.14 -15.95 17.19
N ASP B 159 42.16 -15.69 16.39
CA ASP B 159 43.54 -16.02 16.76
C ASP B 159 44.03 -15.22 17.96
N SER B 160 43.37 -14.10 18.26
CA SER B 160 43.78 -13.22 19.34
C SER B 160 43.01 -13.44 20.64
N GLY B 161 42.01 -14.31 20.61
CA GLY B 161 41.25 -14.61 21.81
C GLY B 161 39.79 -14.97 21.58
N CYS B 162 39.00 -14.88 22.65
CA CYS B 162 37.58 -15.22 22.60
C CYS B 162 36.71 -14.00 22.83
N TRP B 163 35.68 -13.86 22.00
CA TRP B 163 34.80 -12.68 22.04
C TRP B 163 33.36 -13.07 22.32
N TYR B 164 32.55 -12.09 22.69
CA TYR B 164 31.11 -12.31 22.87
C TYR B 164 30.32 -11.48 21.87
N GLY B 165 29.07 -11.89 21.63
CA GLY B 165 28.19 -11.17 20.72
C GLY B 165 27.90 -9.76 21.19
N MET B 166 27.45 -8.92 20.25
CA MET B 166 27.18 -7.51 20.53
C MET B 166 26.23 -7.30 21.70
N GLU B 167 25.22 -8.15 21.79
CA GLU B 167 24.23 -8.07 22.85
C GLU B 167 24.84 -8.24 24.24
N ILE B 168 25.91 -9.02 24.32
CA ILE B 168 26.56 -9.33 25.58
C ILE B 168 27.61 -8.30 25.97
N ARG B 169 27.41 -7.67 27.13
CA ARG B 169 28.34 -6.66 27.62
C ARG B 169 28.93 -7.09 28.95
N PRO B 170 30.11 -6.57 29.30
CA PRO B 170 30.71 -6.87 30.61
C PRO B 170 29.83 -6.40 31.75
N GLN B 171 29.49 -7.29 32.67
CA GLN B 171 28.61 -6.95 33.79
C GLN B 171 29.22 -5.85 34.64
N ARG B 172 30.48 -6.03 35.03
CA ARG B 172 31.24 -4.93 35.62
C ARG B 172 31.46 -3.89 34.54
N HIS B 173 30.48 -2.98 34.40
CA HIS B 173 30.53 -1.92 33.41
C HIS B 173 31.83 -1.12 33.47
N ASP B 174 32.56 -1.29 34.57
CA ASP B 174 33.77 -0.53 34.84
C ASP B 174 35.04 -1.28 34.48
N GLU B 175 35.23 -1.56 33.19
CA GLU B 175 36.48 -2.15 32.74
C GLU B 175 37.31 -1.08 32.03
N LYS B 176 38.61 -1.08 32.31
CA LYS B 176 39.47 0.00 31.84
C LYS B 176 39.92 -0.15 30.39
N THR B 177 40.67 -1.21 30.10
CA THR B 177 41.22 -1.41 28.77
C THR B 177 40.52 -2.53 28.00
N LEU B 178 39.44 -2.18 27.30
CA LEU B 178 38.68 -3.16 26.54
C LEU B 178 39.18 -3.31 25.11
N VAL B 179 39.24 -4.56 24.65
CA VAL B 179 39.53 -4.85 23.24
C VAL B 179 38.21 -5.07 22.51
N GLN B 180 37.80 -4.07 21.74
CA GLN B 180 36.52 -4.12 21.06
C GLN B 180 36.67 -3.98 19.55
N SER B 181 35.70 -4.54 18.83
CA SER B 181 35.71 -4.47 17.37
C SER B 181 35.58 -3.02 16.91
N GLN B 182 36.32 -2.65 15.87
CA GLN B 182 36.28 -1.30 15.34
C GLN B 182 35.60 -1.26 13.97
N VAL B 183 35.12 -2.41 13.51
CA VAL B 183 34.47 -2.48 12.21
C VAL B 183 32.96 -2.39 12.36
N ASN B 184 32.31 -1.76 11.38
CA ASN B 184 30.86 -1.64 11.37
C ASN B 184 30.30 -1.99 10.00
N ALA B 185 29.81 -3.22 9.85
CA ALA B 185 29.27 -3.70 8.58
C ALA B 185 27.75 -3.60 8.56
N ASP C 1 11.78 -5.05 -3.25
CA ASP C 1 11.35 -5.80 -4.42
C ASP C 1 12.20 -5.44 -5.63
N ILE C 2 11.68 -5.75 -6.81
CA ILE C 2 12.34 -5.38 -8.06
C ILE C 2 11.80 -4.06 -8.57
N GLN C 3 12.68 -3.07 -8.69
CA GLN C 3 12.29 -1.76 -9.18
C GLN C 3 12.87 -1.51 -10.57
N MET C 4 12.01 -1.10 -11.50
CA MET C 4 12.43 -0.85 -12.87
C MET C 4 12.64 0.63 -13.12
N THR C 5 13.90 1.02 -13.33
CA THR C 5 14.24 2.39 -13.67
C THR C 5 14.54 2.48 -15.17
N GLN C 6 13.77 3.32 -15.86
CA GLN C 6 13.83 3.40 -17.30
C GLN C 6 14.45 4.73 -17.74
N SER C 7 15.23 4.70 -18.82
CA SER C 7 15.87 5.91 -19.32
C SER C 7 16.02 5.88 -20.83
N PRO C 8 15.95 7.05 -21.48
CA PRO C 8 15.69 8.37 -20.92
C PRO C 8 14.22 8.58 -20.58
N ALA C 9 13.92 9.51 -19.68
CA ALA C 9 12.53 9.79 -19.32
C ALA C 9 11.75 10.30 -20.52
N SER C 10 12.43 11.07 -21.36
CA SER C 10 11.83 11.57 -22.60
C SER C 10 12.90 11.65 -23.68
N LEU C 11 12.50 11.52 -24.94
CA LEU C 11 13.48 11.54 -26.03
C LEU C 11 12.88 12.04 -27.34
N SER C 12 13.60 12.87 -28.08
CA SER C 12 13.10 13.38 -29.36
C SER C 12 14.03 13.02 -30.51
N ALA C 13 13.51 12.35 -31.54
CA ALA C 13 14.36 11.94 -32.65
C ALA C 13 13.67 11.93 -34.01
N SER C 14 14.42 12.32 -35.04
CA SER C 14 13.91 12.44 -36.40
C SER C 14 13.59 11.09 -37.03
N VAL C 15 12.79 11.13 -38.10
CA VAL C 15 12.40 9.93 -38.82
C VAL C 15 13.58 9.29 -39.54
N GLY C 16 13.81 8.01 -39.27
CA GLY C 16 14.89 7.29 -39.90
C GLY C 16 16.08 7.14 -38.98
N GLU C 17 16.09 7.92 -37.91
CA GLU C 17 17.18 7.89 -36.94
C GLU C 17 17.07 6.66 -36.05
N THR C 18 18.21 6.19 -35.55
CA THR C 18 18.23 5.01 -34.69
C THR C 18 18.19 5.39 -33.21
N VAL C 19 17.21 4.87 -32.49
CA VAL C 19 17.09 5.17 -31.07
C VAL C 19 17.23 3.93 -30.19
N THR C 20 17.74 4.13 -28.98
CA THR C 20 17.89 3.04 -28.02
C THR C 20 17.46 3.50 -26.63
N ILE C 21 16.50 2.80 -26.06
CA ILE C 21 16.05 3.09 -24.70
C ILE C 21 16.43 1.95 -23.75
N THR C 22 16.93 2.30 -22.57
CA THR C 22 17.44 1.32 -21.62
C THR C 22 16.53 1.14 -20.42
N CYS C 23 16.53 -0.09 -19.89
CA CYS C 23 15.74 -0.47 -18.74
C CYS C 23 16.65 -1.18 -17.74
N ARG C 24 16.69 -0.67 -16.51
CA ARG C 24 17.56 -1.24 -15.48
C ARG C 24 16.74 -1.74 -14.28
N ALA C 25 16.99 -2.98 -13.89
CA ALA C 25 16.29 -3.57 -12.74
C ALA C 25 17.17 -3.54 -11.50
N SER C 26 16.55 -3.32 -10.34
CA SER C 26 17.28 -3.26 -9.07
C SER C 26 17.88 -4.62 -8.72
N GLY C 27 17.33 -5.67 -9.31
CA GLY C 27 17.84 -7.02 -9.12
C GLY C 27 17.81 -7.79 -10.42
N ASN C 28 18.56 -8.88 -10.49
CA ASN C 28 18.61 -9.70 -11.70
C ASN C 28 17.26 -10.34 -12.00
N ILE C 29 16.72 -10.08 -13.19
CA ILE C 29 15.41 -10.60 -13.55
C ILE C 29 15.46 -11.71 -14.60
N HIS C 30 16.67 -12.09 -14.99
CA HIS C 30 16.91 -13.30 -15.77
C HIS C 30 16.15 -13.37 -17.10
N ASN C 31 16.17 -12.26 -17.85
CA ASN C 31 15.53 -12.20 -19.16
C ASN C 31 14.01 -12.39 -19.13
N TYR C 32 13.41 -12.27 -17.95
CA TYR C 32 11.96 -12.27 -17.83
C TYR C 32 11.45 -10.83 -17.94
N LEU C 33 11.56 -10.26 -19.14
CA LEU C 33 11.22 -8.85 -19.33
C LEU C 33 10.41 -8.62 -20.61
N ALA C 34 9.43 -7.73 -20.51
CA ALA C 34 8.59 -7.38 -21.65
C ALA C 34 8.61 -5.88 -21.93
N TRP C 35 8.56 -5.52 -23.20
CA TRP C 35 8.44 -4.14 -23.64
C TRP C 35 7.05 -3.89 -24.23
N TYR C 36 6.38 -2.87 -23.73
CA TYR C 36 5.07 -2.45 -24.22
C TYR C 36 5.13 -1.05 -24.83
N GLN C 37 4.25 -0.80 -25.79
CA GLN C 37 4.07 0.53 -26.35
C GLN C 37 2.66 1.02 -26.09
N GLN C 38 2.53 2.22 -25.56
CA GLN C 38 1.22 2.81 -25.34
C GLN C 38 1.16 4.29 -25.75
N LYS C 39 0.17 4.63 -26.55
CA LYS C 39 -0.10 6.02 -26.88
C LYS C 39 -1.55 6.37 -26.58
N GLN C 40 -1.73 7.32 -25.66
CA GLN C 40 -3.05 7.75 -25.21
C GLN C 40 -3.90 8.19 -26.40
N GLY C 41 -5.19 7.84 -26.39
CA GLY C 41 -5.79 7.12 -25.29
C GLY C 41 -6.13 5.67 -25.59
N LYS C 42 -5.14 4.89 -25.99
CA LYS C 42 -5.33 3.46 -26.22
C LYS C 42 -4.67 2.63 -25.13
N SER C 43 -4.91 1.32 -25.17
CA SER C 43 -4.31 0.39 -24.22
C SER C 43 -2.94 -0.05 -24.74
N PRO C 44 -2.01 -0.39 -23.83
CA PRO C 44 -0.65 -0.75 -24.22
C PRO C 44 -0.57 -2.00 -25.08
N GLN C 45 0.34 -1.99 -26.05
CA GLN C 45 0.53 -3.12 -26.96
C GLN C 45 1.86 -3.82 -26.65
N LEU C 46 1.82 -5.15 -26.59
CA LEU C 46 3.03 -5.91 -26.35
C LEU C 46 3.98 -5.82 -27.55
N LEU C 47 5.18 -5.32 -27.30
CA LEU C 47 6.21 -5.26 -28.34
C LEU C 47 7.14 -6.44 -28.21
N VAL C 48 7.73 -6.61 -27.02
CA VAL C 48 8.73 -7.64 -26.81
C VAL C 48 8.43 -8.46 -25.56
N TYR C 49 8.76 -9.75 -25.59
CA TYR C 49 8.76 -10.55 -24.37
C TYR C 49 10.01 -11.42 -24.33
N ASN C 50 10.34 -11.95 -23.15
CA ASN C 50 11.57 -12.70 -22.94
C ASN C 50 12.81 -11.89 -23.33
N ALA C 51 12.72 -10.57 -23.18
CA ALA C 51 13.80 -9.63 -23.49
C ALA C 51 14.17 -9.50 -24.97
N LYS C 52 14.28 -10.60 -25.69
CA LYS C 52 14.73 -10.54 -27.08
C LYS C 52 13.72 -11.06 -28.12
N THR C 53 12.55 -11.50 -27.65
CA THR C 53 11.55 -12.06 -28.57
C THR C 53 10.47 -11.04 -28.93
N LEU C 54 10.38 -10.72 -30.21
CA LEU C 54 9.36 -9.80 -30.70
C LEU C 54 7.98 -10.44 -30.72
N ALA C 55 6.96 -9.65 -30.37
CA ALA C 55 5.58 -10.10 -30.45
C ALA C 55 5.14 -10.16 -31.91
N ASP C 56 3.95 -10.71 -32.14
CA ASP C 56 3.44 -10.87 -33.49
C ASP C 56 3.07 -9.52 -34.10
N GLY C 57 3.46 -9.31 -35.36
CA GLY C 57 3.08 -8.11 -36.09
C GLY C 57 4.01 -6.94 -35.87
N VAL C 58 5.03 -7.12 -35.03
CA VAL C 58 6.00 -6.06 -34.77
C VAL C 58 7.03 -5.99 -35.91
N PRO C 59 7.17 -4.81 -36.52
CA PRO C 59 8.04 -4.60 -37.68
C PRO C 59 9.50 -4.98 -37.42
N SER C 60 10.22 -5.30 -38.49
CA SER C 60 11.60 -5.78 -38.39
C SER C 60 12.56 -4.71 -37.86
N ARG C 61 12.13 -3.46 -37.88
CA ARG C 61 12.97 -2.36 -37.43
C ARG C 61 13.09 -2.32 -35.91
N PHE C 62 12.29 -3.14 -35.24
CA PHE C 62 12.35 -3.25 -33.79
C PHE C 62 13.27 -4.38 -33.36
N SER C 63 14.08 -4.12 -32.35
CA SER C 63 14.92 -5.16 -31.75
C SER C 63 15.04 -4.90 -30.26
N ALA C 64 15.47 -5.92 -29.51
CA ALA C 64 15.63 -5.77 -28.07
C ALA C 64 16.59 -6.82 -27.54
N SER C 65 17.38 -6.45 -26.53
CA SER C 65 18.36 -7.36 -25.97
C SER C 65 18.69 -7.04 -24.52
N GLY C 66 19.72 -7.69 -24.00
CA GLY C 66 20.18 -7.45 -22.65
C GLY C 66 20.10 -8.67 -21.77
N SER C 67 20.72 -8.59 -20.61
CA SER C 67 20.69 -9.67 -19.62
C SER C 67 20.93 -9.10 -18.23
N GLY C 68 20.83 -9.96 -17.23
CA GLY C 68 21.06 -9.55 -15.86
C GLY C 68 20.09 -8.48 -15.41
N THR C 69 20.59 -7.26 -15.24
CA THR C 69 19.77 -6.15 -14.82
C THR C 69 19.70 -5.08 -15.91
N GLN C 70 20.44 -5.30 -16.99
CA GLN C 70 20.51 -4.31 -18.06
C GLN C 70 19.80 -4.80 -19.32
N TYR C 71 18.84 -4.00 -19.78
CA TYR C 71 18.11 -4.36 -21.01
C TYR C 71 17.94 -3.15 -21.92
N SER C 72 17.74 -3.40 -23.20
CA SER C 72 17.64 -2.32 -24.17
C SER C 72 16.65 -2.62 -25.30
N LEU C 73 15.78 -1.65 -25.58
CA LEU C 73 14.92 -1.70 -26.74
C LEU C 73 15.45 -0.73 -27.79
N LYS C 74 15.78 -1.26 -28.96
CA LYS C 74 16.33 -0.44 -30.04
C LYS C 74 15.40 -0.38 -31.24
N ILE C 75 15.06 0.85 -31.64
CA ILE C 75 14.29 1.07 -32.85
C ILE C 75 15.19 1.63 -33.95
N ASN C 76 15.35 0.86 -35.01
CA ASN C 76 16.11 1.30 -36.16
C ASN C 76 15.16 1.93 -37.17
N SER C 77 15.63 2.93 -37.91
CA SER C 77 14.80 3.63 -38.88
C SER C 77 13.47 4.10 -38.30
N LEU C 78 13.55 4.97 -37.30
CA LEU C 78 12.39 5.48 -36.60
C LEU C 78 11.29 6.02 -37.52
N GLN C 79 10.05 5.65 -37.25
CA GLN C 79 8.91 6.06 -38.05
C GLN C 79 7.98 6.96 -37.24
N PRO C 80 7.16 7.78 -37.92
CA PRO C 80 6.18 8.65 -37.24
C PRO C 80 5.20 7.85 -36.39
N GLU C 81 4.96 6.59 -36.77
CA GLU C 81 4.11 5.68 -36.03
C GLU C 81 4.63 5.47 -34.62
N ASP C 82 5.94 5.27 -34.50
CA ASP C 82 6.56 4.83 -33.25
C ASP C 82 6.60 5.90 -32.17
N PHE C 83 5.78 6.94 -32.31
CA PHE C 83 5.65 7.94 -31.26
C PHE C 83 4.84 7.32 -30.12
N GLY C 84 4.91 7.94 -28.94
CA GLY C 84 4.18 7.44 -27.79
C GLY C 84 5.10 7.00 -26.68
N SER C 85 4.51 6.52 -25.58
CA SER C 85 5.29 6.10 -24.42
C SER C 85 5.68 4.62 -24.52
N TYR C 86 6.89 4.31 -24.08
CA TYR C 86 7.39 2.94 -24.06
C TYR C 86 7.67 2.50 -22.63
N TYR C 87 7.16 1.33 -22.27
CA TYR C 87 7.31 0.82 -20.91
C TYR C 87 8.00 -0.54 -20.87
N CYS C 88 8.76 -0.78 -19.80
CA CYS C 88 9.36 -2.10 -19.58
C CYS C 88 8.81 -2.68 -18.29
N GLN C 89 8.60 -3.99 -18.29
CA GLN C 89 8.05 -4.66 -17.11
C GLN C 89 8.65 -6.04 -16.93
N HIS C 90 9.01 -6.39 -15.70
CA HIS C 90 9.62 -7.68 -15.44
C HIS C 90 8.57 -8.74 -15.09
N PHE C 91 8.87 -9.99 -15.42
CA PHE C 91 8.00 -11.11 -15.06
C PHE C 91 8.78 -12.12 -14.24
N TRP C 92 9.80 -11.66 -13.55
CA TRP C 92 10.65 -12.52 -12.75
C TRP C 92 10.07 -12.82 -11.38
N SER C 93 9.89 -11.78 -10.57
CA SER C 93 9.45 -11.95 -9.20
C SER C 93 8.14 -11.23 -8.92
N THR C 94 7.64 -11.38 -7.69
CA THR C 94 6.44 -10.69 -7.26
C THR C 94 6.80 -9.62 -6.22
N PRO C 95 6.17 -8.43 -6.31
CA PRO C 95 5.15 -8.06 -7.30
C PRO C 95 5.75 -7.71 -8.65
N ARG C 96 4.92 -7.73 -9.69
CA ARG C 96 5.33 -7.28 -11.00
C ARG C 96 5.44 -5.76 -10.98
N THR C 97 6.51 -5.22 -11.53
CA THR C 97 6.69 -3.77 -11.55
C THR C 97 7.03 -3.25 -12.95
N PHE C 98 6.69 -2.00 -13.21
CA PHE C 98 6.91 -1.39 -14.51
C PHE C 98 7.97 -0.31 -14.44
N GLY C 99 8.55 0.03 -15.58
CA GLY C 99 9.46 1.14 -15.69
C GLY C 99 8.70 2.45 -15.61
N GLY C 100 9.42 3.53 -15.36
CA GLY C 100 8.80 4.86 -15.27
C GLY C 100 8.24 5.29 -16.61
N GLY C 101 8.78 4.72 -17.68
CA GLY C 101 8.30 5.03 -19.02
C GLY C 101 9.26 5.92 -19.78
N THR C 102 9.10 5.93 -21.10
CA THR C 102 9.90 6.79 -21.96
C THR C 102 9.02 7.34 -23.08
N LYS C 103 8.69 8.62 -23.04
CA LYS C 103 7.93 9.21 -24.14
C LYS C 103 8.82 9.50 -25.33
N LEU C 104 8.40 9.00 -26.48
CA LEU C 104 9.12 9.18 -27.73
C LEU C 104 8.47 10.28 -28.57
N GLU C 105 9.23 11.35 -28.82
CA GLU C 105 8.91 12.43 -29.76
C GLU C 105 9.45 12.12 -31.13
N ILE C 106 8.61 12.34 -32.14
CA ILE C 106 9.12 12.37 -33.49
C ILE C 106 9.62 13.78 -33.82
N LYS C 107 10.93 13.97 -33.76
CA LYS C 107 11.52 15.24 -34.16
C LYS C 107 11.28 15.46 -35.64
N ARG C 108 10.82 16.64 -36.00
CA ARG C 108 10.45 16.90 -37.38
C ARG C 108 10.71 18.33 -37.81
N ALA C 109 10.15 18.68 -38.97
CA ALA C 109 10.21 20.02 -39.50
C ALA C 109 9.55 21.03 -38.56
N ASP C 110 10.12 22.22 -38.48
CA ASP C 110 9.47 23.32 -37.77
C ASP C 110 8.26 23.76 -38.57
N ALA C 111 7.14 23.98 -37.89
CA ALA C 111 5.89 24.32 -38.58
C ALA C 111 5.14 25.45 -37.91
N ALA C 112 4.77 26.46 -38.70
CA ALA C 112 3.95 27.55 -38.21
C ALA C 112 2.52 27.06 -37.97
N PRO C 113 1.90 27.55 -36.89
CA PRO C 113 0.54 27.11 -36.53
C PRO C 113 -0.53 27.75 -37.40
N THR C 114 -1.59 26.99 -37.69
CA THR C 114 -2.74 27.53 -38.41
C THR C 114 -3.77 28.00 -37.39
N VAL C 115 -3.98 29.32 -37.34
CA VAL C 115 -4.81 29.92 -36.30
C VAL C 115 -6.23 30.22 -36.79
N SER C 116 -7.21 29.84 -35.99
CA SER C 116 -8.61 30.16 -36.27
C SER C 116 -9.29 30.73 -35.03
N ILE C 117 -10.10 31.76 -35.20
CA ILE C 117 -10.78 32.37 -34.06
C ILE C 117 -12.29 32.22 -34.18
N PHE C 118 -12.97 32.06 -33.03
CA PHE C 118 -14.39 31.78 -32.99
C PHE C 118 -15.09 32.55 -31.88
N PRO C 119 -16.02 33.45 -32.27
CA PRO C 119 -16.87 34.20 -31.34
C PRO C 119 -17.82 33.27 -30.61
N PRO C 120 -18.39 33.73 -29.48
CA PRO C 120 -19.35 32.93 -28.72
C PRO C 120 -20.56 32.54 -29.57
N SER C 121 -21.12 31.37 -29.30
CA SER C 121 -22.32 30.92 -29.99
C SER C 121 -23.55 31.62 -29.39
N SER C 122 -24.61 31.71 -30.18
CA SER C 122 -25.84 32.35 -29.73
C SER C 122 -26.47 31.59 -28.56
N GLU C 123 -26.23 30.29 -28.51
CA GLU C 123 -26.75 29.45 -27.44
C GLU C 123 -26.10 29.79 -26.10
N GLN C 124 -24.77 29.88 -26.12
CA GLN C 124 -24.01 30.21 -24.91
C GLN C 124 -24.37 31.62 -24.44
N LEU C 125 -24.52 32.53 -25.41
CA LEU C 125 -24.92 33.90 -25.11
C LEU C 125 -26.31 33.91 -24.49
N THR C 126 -27.17 33.01 -24.95
CA THR C 126 -28.49 32.85 -24.37
C THR C 126 -28.37 32.37 -22.92
N SER C 127 -27.38 31.52 -22.67
CA SER C 127 -27.15 31.02 -21.32
C SER C 127 -26.53 32.05 -20.39
N GLY C 128 -25.96 33.11 -20.96
CA GLY C 128 -25.36 34.18 -20.17
C GLY C 128 -23.86 34.10 -20.10
N GLY C 129 -23.28 33.10 -20.76
CA GLY C 129 -21.84 32.97 -20.82
C GLY C 129 -21.32 33.31 -22.20
N ALA C 130 -20.01 33.51 -22.32
CA ALA C 130 -19.43 33.88 -23.61
C ALA C 130 -17.98 33.42 -23.74
N SER C 131 -17.78 32.30 -24.42
CA SER C 131 -16.44 31.77 -24.64
C SER C 131 -15.94 32.04 -26.05
N VAL C 132 -14.76 32.63 -26.15
CA VAL C 132 -14.10 32.83 -27.43
C VAL C 132 -13.02 31.78 -27.60
N VAL C 133 -13.05 31.05 -28.72
CA VAL C 133 -12.16 29.92 -28.91
C VAL C 133 -11.10 30.18 -29.99
N CYS C 134 -9.86 29.82 -29.70
CA CYS C 134 -8.77 29.97 -30.66
C CYS C 134 -8.08 28.63 -30.89
N PHE C 135 -8.08 28.18 -32.14
CA PHE C 135 -7.46 26.93 -32.52
C PHE C 135 -6.11 27.15 -33.20
N LEU C 136 -5.07 26.58 -32.62
CA LEU C 136 -3.73 26.64 -33.16
C LEU C 136 -3.37 25.24 -33.66
N ASN C 137 -3.52 24.99 -34.95
CA ASN C 137 -3.41 23.63 -35.48
C ASN C 137 -2.14 23.34 -36.28
N ASN C 138 -1.65 22.11 -36.14
CA ASN C 138 -0.54 21.58 -36.94
C ASN C 138 0.74 22.40 -36.88
N PHE C 139 1.36 22.45 -35.70
CA PHE C 139 2.61 23.19 -35.53
C PHE C 139 3.71 22.33 -34.90
N TYR C 140 4.94 22.79 -35.01
CA TYR C 140 6.08 22.13 -34.39
C TYR C 140 7.24 23.12 -34.25
N PRO C 141 7.91 23.14 -33.09
CA PRO C 141 7.76 22.25 -31.93
C PRO C 141 6.52 22.50 -31.10
N LYS C 142 6.38 21.74 -30.01
CA LYS C 142 5.17 21.74 -29.20
C LYS C 142 4.94 23.04 -28.42
N ASP C 143 6.03 23.64 -27.93
CA ASP C 143 5.91 24.85 -27.14
C ASP C 143 5.39 26.02 -27.98
N ILE C 144 4.38 26.70 -27.47
CA ILE C 144 3.78 27.83 -28.16
C ILE C 144 3.09 28.75 -27.16
N ASN C 145 3.03 30.04 -27.49
CA ASN C 145 2.42 31.02 -26.61
C ASN C 145 1.14 31.61 -27.19
N VAL C 146 0.09 31.64 -26.38
CA VAL C 146 -1.17 32.24 -26.81
C VAL C 146 -1.52 33.47 -25.98
N LYS C 147 -1.70 34.61 -26.66
CA LYS C 147 -2.02 35.85 -25.98
C LYS C 147 -3.37 36.38 -26.44
N TRP C 148 -4.29 36.55 -25.49
CA TRP C 148 -5.60 37.12 -25.77
C TRP C 148 -5.60 38.63 -25.57
N LYS C 149 -6.15 39.34 -26.54
CA LYS C 149 -6.25 40.79 -26.47
C LYS C 149 -7.69 41.24 -26.64
N ILE C 150 -8.19 41.95 -25.63
CA ILE C 150 -9.53 42.53 -25.67
C ILE C 150 -9.40 44.05 -25.85
N ASP C 151 -9.93 44.56 -26.96
CA ASP C 151 -9.79 45.97 -27.34
C ASP C 151 -8.35 46.45 -27.32
N GLY C 152 -7.41 45.53 -27.53
CA GLY C 152 -6.00 45.86 -27.57
C GLY C 152 -5.25 45.57 -26.28
N SER C 153 -5.98 45.31 -25.20
CA SER C 153 -5.34 45.06 -23.91
C SER C 153 -5.36 43.59 -23.53
N GLU C 154 -4.22 43.06 -23.09
CA GLU C 154 -4.09 41.64 -22.80
C GLU C 154 -4.98 41.16 -21.65
N ARG C 155 -5.69 40.07 -21.88
CA ARG C 155 -6.53 39.44 -20.88
C ARG C 155 -5.92 38.09 -20.48
N GLN C 156 -5.75 37.88 -19.18
CA GLN C 156 -5.04 36.69 -18.71
C GLN C 156 -5.92 35.68 -17.96
N ASN C 157 -6.87 36.17 -17.18
CA ASN C 157 -7.74 35.28 -16.41
C ASN C 157 -8.90 34.73 -17.24
N GLY C 158 -9.28 33.49 -16.96
CA GLY C 158 -10.38 32.85 -17.64
C GLY C 158 -9.95 32.12 -18.91
N VAL C 159 -8.64 31.92 -19.06
CA VAL C 159 -8.11 31.25 -20.24
C VAL C 159 -7.81 29.78 -19.96
N LEU C 160 -8.31 28.90 -20.82
CA LEU C 160 -8.13 27.47 -20.66
C LEU C 160 -7.43 26.86 -21.88
N ASN C 161 -6.22 26.34 -21.68
CA ASN C 161 -5.46 25.79 -22.78
C ASN C 161 -5.38 24.26 -22.77
N SER C 162 -5.32 23.67 -23.95
CA SER C 162 -5.24 22.21 -24.07
C SER C 162 -4.50 21.75 -25.32
N TRP C 163 -3.34 21.13 -25.12
CA TRP C 163 -2.56 20.57 -26.23
C TRP C 163 -3.04 19.17 -26.59
N THR C 164 -2.82 18.78 -27.84
CA THR C 164 -3.04 17.40 -28.26
C THR C 164 -1.69 16.69 -28.21
N ASP C 165 -1.73 15.36 -28.27
CA ASP C 165 -0.49 14.60 -28.40
C ASP C 165 0.03 14.75 -29.83
N GLN C 166 1.28 14.34 -30.05
CA GLN C 166 1.89 14.46 -31.37
C GLN C 166 1.12 13.63 -32.38
N ASP C 167 0.86 14.23 -33.54
CA ASP C 167 0.07 13.58 -34.58
C ASP C 167 0.78 12.33 -35.13
N SER C 168 -0.01 11.31 -35.44
CA SER C 168 0.54 10.02 -35.85
C SER C 168 1.11 10.05 -37.26
N LYS C 169 0.76 11.07 -38.03
CA LYS C 169 1.11 11.11 -39.45
C LYS C 169 2.09 12.23 -39.82
N ASP C 170 1.74 13.47 -39.49
CA ASP C 170 2.61 14.60 -39.80
C ASP C 170 3.47 15.03 -38.61
N SER C 171 3.30 14.34 -37.48
CA SER C 171 4.10 14.57 -36.28
C SER C 171 3.98 15.99 -35.72
N THR C 172 2.87 16.66 -36.00
CA THR C 172 2.67 18.03 -35.56
C THR C 172 1.81 18.10 -34.30
N TYR C 173 1.60 19.31 -33.80
CA TYR C 173 0.80 19.53 -32.60
C TYR C 173 -0.35 20.48 -32.84
N SER C 174 -1.35 20.41 -31.97
CA SER C 174 -2.48 21.31 -32.03
C SER C 174 -2.93 21.67 -30.62
N MET C 175 -3.24 22.93 -30.39
CA MET C 175 -3.69 23.36 -29.07
C MET C 175 -4.94 24.24 -29.16
N SER C 176 -5.78 24.14 -28.14
CA SER C 176 -7.02 24.90 -28.08
C SER C 176 -7.01 25.86 -26.90
N SER C 177 -7.30 27.14 -27.17
CA SER C 177 -7.37 28.14 -26.11
C SER C 177 -8.78 28.69 -25.99
N THR C 178 -9.34 28.66 -24.78
CA THR C 178 -10.71 29.11 -24.57
C THR C 178 -10.78 30.24 -23.55
N LEU C 179 -11.15 31.42 -24.01
CA LEU C 179 -11.33 32.57 -23.12
C LEU C 179 -12.79 32.69 -22.72
N THR C 180 -13.08 32.35 -21.46
CA THR C 180 -14.45 32.36 -20.97
C THR C 180 -14.77 33.63 -20.19
N LEU C 181 -15.73 34.39 -20.69
CA LEU C 181 -16.20 35.60 -20.04
C LEU C 181 -17.68 35.49 -19.73
N THR C 182 -18.20 36.44 -18.97
CA THR C 182 -19.64 36.57 -18.79
C THR C 182 -20.19 37.33 -20.00
N LYS C 183 -21.49 37.21 -20.24
CA LYS C 183 -22.13 37.89 -21.37
C LYS C 183 -21.93 39.40 -21.28
N ASP C 184 -22.07 39.93 -20.07
CA ASP C 184 -21.91 41.36 -19.83
C ASP C 184 -20.49 41.82 -20.12
N GLU C 185 -19.51 41.06 -19.64
CA GLU C 185 -18.11 41.40 -19.87
C GLU C 185 -17.77 41.31 -21.35
N TYR C 186 -18.42 40.39 -22.05
CA TYR C 186 -18.22 40.23 -23.48
C TYR C 186 -18.80 41.42 -24.25
N GLU C 187 -19.97 41.88 -23.82
CA GLU C 187 -20.64 43.01 -24.46
C GLU C 187 -20.03 44.34 -24.04
N ARG C 188 -19.15 44.30 -23.04
CA ARG C 188 -18.50 45.50 -22.54
C ARG C 188 -17.44 45.98 -23.53
N HIS C 189 -16.96 45.08 -24.37
CA HIS C 189 -15.89 45.40 -25.31
C HIS C 189 -16.27 45.03 -26.74
N ASN C 190 -15.36 45.29 -27.68
CA ASN C 190 -15.64 45.08 -29.09
C ASN C 190 -14.65 44.15 -29.80
N SER C 191 -13.38 44.56 -29.84
CA SER C 191 -12.36 43.81 -30.57
C SER C 191 -11.79 42.64 -29.76
N TYR C 192 -11.81 41.46 -30.36
CA TYR C 192 -11.25 40.27 -29.72
C TYR C 192 -10.18 39.63 -30.61
N THR C 193 -9.01 39.40 -30.03
CA THR C 193 -7.84 38.97 -30.78
C THR C 193 -7.10 37.83 -30.09
N CYS C 194 -6.70 36.83 -30.86
CA CYS C 194 -5.78 35.82 -30.37
C CYS C 194 -4.48 35.86 -31.17
N GLU C 195 -3.36 35.90 -30.45
CA GLU C 195 -2.05 35.97 -31.06
C GLU C 195 -1.20 34.77 -30.67
N ALA C 196 -0.59 34.12 -31.66
CA ALA C 196 0.22 32.93 -31.42
C ALA C 196 1.69 33.19 -31.67
N THR C 197 2.48 33.21 -30.59
CA THR C 197 3.92 33.37 -30.71
C THR C 197 4.60 32.00 -30.68
N HIS C 198 5.30 31.68 -31.75
CA HIS C 198 5.91 30.36 -31.90
C HIS C 198 7.39 30.48 -32.26
N LYS C 199 8.13 29.38 -32.17
CA LYS C 199 9.55 29.35 -32.48
C LYS C 199 9.84 29.79 -33.92
N THR C 200 8.95 29.42 -34.83
CA THR C 200 9.15 29.66 -36.26
C THR C 200 9.31 31.14 -36.62
N SER C 201 8.74 32.03 -35.82
CA SER C 201 8.82 33.46 -36.09
C SER C 201 8.58 34.31 -34.84
N THR C 202 9.30 35.43 -34.75
CA THR C 202 9.11 36.38 -33.67
C THR C 202 7.84 37.19 -33.91
N SER C 203 7.36 37.16 -35.14
CA SER C 203 6.12 37.84 -35.50
C SER C 203 4.92 36.96 -35.13
N PRO C 204 4.02 37.50 -34.29
CA PRO C 204 2.84 36.77 -33.82
C PRO C 204 1.87 36.48 -34.96
N ILE C 205 1.36 35.25 -35.01
CA ILE C 205 0.31 34.89 -35.96
C ILE C 205 -1.03 35.28 -35.35
N VAL C 206 -1.72 36.21 -35.99
CA VAL C 206 -2.86 36.89 -35.37
C VAL C 206 -4.19 36.60 -36.05
N LYS C 207 -5.21 36.32 -35.24
CA LYS C 207 -6.59 36.25 -35.73
C LYS C 207 -7.48 37.11 -34.86
N SER C 208 -8.42 37.84 -35.46
CA SER C 208 -9.23 38.78 -34.70
C SER C 208 -10.62 39.02 -35.31
N PHE C 209 -11.54 39.51 -34.48
CA PHE C 209 -12.88 39.89 -34.95
C PHE C 209 -13.47 40.99 -34.08
N ASN C 210 -14.57 41.58 -34.55
CA ASN C 210 -15.29 42.60 -33.79
C ASN C 210 -16.70 42.14 -33.43
N ARG C 211 -17.12 42.45 -32.21
CA ARG C 211 -18.39 41.93 -31.68
C ARG C 211 -19.63 42.41 -32.43
N ASN C 212 -19.72 43.72 -32.67
CA ASN C 212 -20.88 44.27 -33.37
C ASN C 212 -20.79 44.15 -34.89
N GLU C 213 -20.10 43.10 -35.35
CA GLU C 213 -19.98 42.84 -36.78
C GLU C 213 -20.30 41.37 -37.07
N GLN D 1 -11.60 -14.69 -31.76
CA GLN D 1 -10.79 -13.52 -31.42
C GLN D 1 -10.79 -13.29 -29.91
N VAL D 2 -9.63 -12.95 -29.36
CA VAL D 2 -9.49 -12.70 -27.93
C VAL D 2 -9.77 -11.23 -27.60
N GLN D 3 -10.71 -11.00 -26.69
CA GLN D 3 -11.01 -9.64 -26.25
C GLN D 3 -11.47 -9.59 -24.80
N LEU D 4 -11.09 -8.52 -24.11
CA LEU D 4 -11.48 -8.30 -22.73
C LEU D 4 -12.36 -7.05 -22.63
N GLN D 5 -13.56 -7.23 -22.08
CA GLN D 5 -14.54 -6.14 -22.05
C GLN D 5 -14.75 -5.61 -20.65
N GLN D 6 -14.57 -4.31 -20.49
CA GLN D 6 -14.78 -3.65 -19.21
C GLN D 6 -15.39 -2.27 -19.42
N PRO D 7 -16.28 -1.85 -18.51
CA PRO D 7 -16.96 -0.55 -18.58
C PRO D 7 -15.98 0.62 -18.76
N GLY D 8 -16.38 1.62 -19.53
CA GLY D 8 -15.53 2.74 -19.84
C GLY D 8 -15.21 3.60 -18.64
N ALA D 9 -16.20 3.79 -17.77
CA ALA D 9 -16.02 4.68 -16.62
C ALA D 9 -16.91 4.31 -15.43
N GLU D 10 -16.49 4.75 -14.25
CA GLU D 10 -17.26 4.58 -13.02
C GLU D 10 -17.05 5.80 -12.13
N LEU D 11 -18.15 6.39 -11.65
CA LEU D 11 -18.05 7.49 -10.70
C LEU D 11 -18.44 7.00 -9.31
N VAL D 12 -17.59 7.25 -8.33
CA VAL D 12 -17.85 6.79 -6.98
C VAL D 12 -17.44 7.82 -5.93
N LYS D 13 -18.35 8.11 -5.00
CA LYS D 13 -18.09 9.08 -3.94
C LYS D 13 -17.05 8.56 -2.96
N PRO D 14 -16.23 9.46 -2.41
CA PRO D 14 -15.16 9.12 -1.45
C PRO D 14 -15.67 8.33 -0.26
N GLY D 15 -14.93 7.29 0.13
CA GLY D 15 -15.29 6.47 1.27
C GLY D 15 -16.17 5.30 0.89
N ALA D 16 -16.73 5.33 -0.31
CA ALA D 16 -17.59 4.26 -0.78
C ALA D 16 -16.79 3.16 -1.48
N SER D 17 -17.51 2.19 -2.05
CA SER D 17 -16.86 1.06 -2.70
C SER D 17 -17.45 0.83 -4.09
N VAL D 18 -16.62 0.31 -4.99
CA VAL D 18 -17.06 0.01 -6.35
C VAL D 18 -16.47 -1.32 -6.81
N LYS D 19 -17.21 -2.05 -7.63
CA LYS D 19 -16.74 -3.33 -8.14
C LYS D 19 -16.57 -3.31 -9.66
N LEU D 20 -15.33 -3.41 -10.11
CA LEU D 20 -15.02 -3.40 -11.54
C LEU D 20 -15.10 -4.80 -12.13
N SER D 21 -15.55 -4.89 -13.38
CA SER D 21 -15.73 -6.18 -14.04
C SER D 21 -14.82 -6.32 -15.25
N CYS D 22 -14.63 -7.57 -15.69
CA CYS D 22 -13.78 -7.87 -16.84
C CYS D 22 -14.26 -9.16 -17.50
N LYS D 23 -15.03 -9.01 -18.57
CA LYS D 23 -15.60 -10.16 -19.27
C LYS D 23 -14.68 -10.62 -20.39
N ALA D 24 -14.20 -11.85 -20.28
CA ALA D 24 -13.27 -12.41 -21.26
C ALA D 24 -13.99 -13.10 -22.40
N SER D 25 -13.42 -13.04 -23.59
CA SER D 25 -14.01 -13.67 -24.76
C SER D 25 -12.96 -14.18 -25.73
N GLY D 26 -13.18 -15.39 -26.25
CA GLY D 26 -12.39 -15.90 -27.35
C GLY D 26 -11.25 -16.85 -26.99
N TYR D 27 -11.21 -17.31 -25.75
CA TYR D 27 -10.19 -18.26 -25.34
C TYR D 27 -10.63 -19.08 -24.13
N THR D 28 -9.99 -20.24 -23.95
CA THR D 28 -10.25 -21.08 -22.78
C THR D 28 -9.90 -20.32 -21.50
N PHE D 29 -10.94 -19.83 -20.83
CA PHE D 29 -10.80 -18.93 -19.69
C PHE D 29 -9.87 -19.42 -18.58
N THR D 30 -9.88 -20.72 -18.32
CA THR D 30 -9.10 -21.28 -17.21
C THR D 30 -7.61 -21.34 -17.51
N SER D 31 -7.25 -21.18 -18.78
CA SER D 31 -5.87 -21.38 -19.21
C SER D 31 -4.93 -20.24 -18.80
N TYR D 32 -5.47 -19.03 -18.67
CA TYR D 32 -4.65 -17.86 -18.39
C TYR D 32 -5.07 -17.12 -17.12
N TRP D 33 -4.09 -16.74 -16.31
CA TRP D 33 -4.34 -15.97 -15.10
C TRP D 33 -4.87 -14.58 -15.46
N MET D 34 -5.64 -13.98 -14.55
CA MET D 34 -6.20 -12.67 -14.82
C MET D 34 -5.59 -11.58 -13.96
N HIS D 35 -4.79 -10.72 -14.58
CA HIS D 35 -4.08 -9.67 -13.86
C HIS D 35 -4.79 -8.31 -13.94
N TRP D 36 -4.64 -7.51 -12.89
CA TRP D 36 -5.20 -6.16 -12.85
C TRP D 36 -4.10 -5.12 -12.70
N VAL D 37 -4.13 -4.09 -13.54
CA VAL D 37 -3.09 -3.06 -13.53
C VAL D 37 -3.70 -1.67 -13.32
N LYS D 38 -3.05 -0.86 -12.49
CA LYS D 38 -3.51 0.49 -12.23
C LYS D 38 -2.65 1.52 -12.95
N LEU D 39 -3.29 2.43 -13.68
CA LEU D 39 -2.59 3.50 -14.39
C LEU D 39 -3.08 4.86 -13.95
N ARG D 40 -2.21 5.61 -13.28
CA ARG D 40 -2.52 6.93 -12.78
C ARG D 40 -1.44 7.91 -13.24
N PRO D 41 -1.85 9.08 -13.75
CA PRO D 41 -0.89 10.08 -14.25
C PRO D 41 0.06 10.56 -13.16
N GLY D 42 1.35 10.34 -13.37
CA GLY D 42 2.37 10.72 -12.40
C GLY D 42 2.91 9.53 -11.63
N GLN D 43 2.04 8.55 -11.38
CA GLN D 43 2.43 7.36 -10.65
C GLN D 43 2.82 6.22 -11.58
N GLY D 44 2.41 6.32 -12.84
CA GLY D 44 2.72 5.30 -13.82
C GLY D 44 1.91 4.03 -13.64
N PHE D 45 2.45 2.91 -14.08
CA PHE D 45 1.77 1.63 -13.97
C PHE D 45 2.00 0.95 -12.61
N GLU D 46 0.99 0.25 -12.13
CA GLU D 46 1.10 -0.50 -10.89
C GLU D 46 0.33 -1.82 -10.97
N TRP D 47 1.05 -2.92 -10.86
CA TRP D 47 0.43 -4.24 -10.84
C TRP D 47 -0.31 -4.44 -9.53
N ILE D 48 -1.62 -4.67 -9.61
CA ILE D 48 -2.46 -4.81 -8.43
C ILE D 48 -2.47 -6.25 -7.93
N GLY D 49 -2.52 -7.19 -8.86
CA GLY D 49 -2.53 -8.61 -8.50
C GLY D 49 -3.14 -9.46 -9.58
N ASP D 50 -3.27 -10.76 -9.33
CA ASP D 50 -3.93 -11.64 -10.28
C ASP D 50 -4.88 -12.63 -9.61
N ILE D 51 -5.77 -13.20 -10.41
CA ILE D 51 -6.68 -14.23 -9.95
C ILE D 51 -6.56 -15.47 -10.83
N ASN D 52 -6.57 -16.63 -10.20
CA ASN D 52 -6.50 -17.91 -10.90
C ASN D 52 -7.90 -18.36 -11.28
N PRO D 53 -8.16 -18.44 -12.60
CA PRO D 53 -9.48 -18.82 -13.11
C PRO D 53 -9.86 -20.27 -12.76
N ASN D 54 -8.88 -21.08 -12.39
CA ASN D 54 -9.14 -22.49 -12.07
C ASN D 54 -9.73 -22.71 -10.68
N ASN D 55 -9.09 -22.16 -9.67
CA ASN D 55 -9.54 -22.38 -8.29
C ASN D 55 -10.05 -21.11 -7.60
N GLY D 56 -9.90 -19.97 -8.26
CA GLY D 56 -10.33 -18.71 -7.70
C GLY D 56 -9.36 -18.19 -6.66
N GLY D 57 -8.10 -18.62 -6.76
CA GLY D 57 -7.08 -18.20 -5.84
C GLY D 57 -6.38 -16.92 -6.28
N PRO D 58 -6.38 -15.90 -5.41
CA PRO D 58 -5.80 -14.59 -5.71
C PRO D 58 -4.37 -14.44 -5.19
N SER D 59 -3.58 -13.62 -5.89
CA SER D 59 -2.25 -13.23 -5.41
C SER D 59 -2.15 -11.71 -5.53
N TYR D 60 -1.92 -11.06 -4.41
CA TYR D 60 -1.96 -9.60 -4.38
C TYR D 60 -0.59 -8.93 -4.33
N ASN D 61 -0.50 -7.76 -4.94
CA ASN D 61 0.56 -6.83 -4.62
C ASN D 61 0.28 -6.42 -3.18
N GLU D 62 1.30 -6.49 -2.33
CA GLU D 62 1.13 -6.26 -0.91
C GLU D 62 0.58 -4.87 -0.61
N LYS D 63 0.82 -3.95 -1.53
CA LYS D 63 0.35 -2.57 -1.41
C LYS D 63 -1.17 -2.48 -1.55
N PHE D 64 -1.74 -3.35 -2.36
CA PHE D 64 -3.17 -3.29 -2.66
C PHE D 64 -3.99 -4.35 -1.92
N LYS D 65 -3.43 -4.93 -0.87
CA LYS D 65 -4.08 -6.04 -0.17
C LYS D 65 -5.37 -5.64 0.56
N ARG D 66 -5.38 -4.45 1.14
CA ARG D 66 -6.57 -3.97 1.85
C ARG D 66 -7.46 -3.11 0.96
N LYS D 67 -6.91 -2.68 -0.19
CA LYS D 67 -7.65 -1.84 -1.11
C LYS D 67 -8.50 -2.66 -2.08
N ALA D 68 -7.86 -3.64 -2.74
CA ALA D 68 -8.54 -4.41 -3.77
C ALA D 68 -8.89 -5.82 -3.30
N THR D 69 -10.01 -6.33 -3.81
CA THR D 69 -10.41 -7.71 -3.56
C THR D 69 -10.70 -8.38 -4.90
N LEU D 70 -9.87 -9.36 -5.25
CA LEU D 70 -10.00 -10.05 -6.53
C LEU D 70 -10.86 -11.30 -6.44
N THR D 71 -11.89 -11.37 -7.28
CA THR D 71 -12.76 -12.53 -7.36
C THR D 71 -12.94 -12.95 -8.82
N VAL D 72 -13.51 -14.13 -9.03
CA VAL D 72 -13.69 -14.63 -10.38
C VAL D 72 -14.90 -15.56 -10.51
N ASP D 73 -15.62 -15.40 -11.62
CA ASP D 73 -16.68 -16.32 -12.00
C ASP D 73 -16.26 -17.01 -13.30
N THR D 74 -15.82 -18.25 -13.18
CA THR D 74 -15.32 -19.02 -14.31
C THR D 74 -16.44 -19.35 -15.28
N SER D 75 -17.62 -19.62 -14.72
CA SER D 75 -18.79 -19.99 -15.51
C SER D 75 -19.15 -18.92 -16.55
N SER D 76 -19.07 -17.66 -16.16
CA SER D 76 -19.39 -16.55 -17.04
C SER D 76 -18.13 -15.95 -17.66
N SER D 77 -16.98 -16.53 -17.35
CA SER D 77 -15.69 -16.06 -17.82
C SER D 77 -15.47 -14.59 -17.48
N THR D 78 -15.76 -14.21 -16.24
CA THR D 78 -15.67 -12.82 -15.84
C THR D 78 -14.87 -12.65 -14.55
N ALA D 79 -13.95 -11.69 -14.53
CA ALA D 79 -13.18 -11.39 -13.33
C ALA D 79 -13.67 -10.11 -12.68
N TYR D 80 -13.54 -10.02 -11.37
CA TYR D 80 -14.01 -8.85 -10.64
C TYR D 80 -12.96 -8.30 -9.68
N MET D 81 -12.87 -6.98 -9.61
CA MET D 81 -11.99 -6.33 -8.64
C MET D 81 -12.77 -5.30 -7.81
N GLN D 82 -12.91 -5.56 -6.53
CA GLN D 82 -13.63 -4.63 -5.66
C GLN D 82 -12.69 -3.67 -4.93
N LEU D 83 -12.81 -2.39 -5.24
CA LEU D 83 -12.07 -1.34 -4.56
C LEU D 83 -12.94 -0.72 -3.48
N SER D 84 -12.45 -0.75 -2.24
CA SER D 84 -13.22 -0.26 -1.10
C SER D 84 -12.57 0.94 -0.42
N SER D 85 -13.39 1.75 0.24
CA SER D 85 -12.93 2.94 0.95
C SER D 85 -12.10 3.85 0.04
N LEU D 86 -12.69 4.27 -1.07
CA LEU D 86 -11.97 5.00 -2.11
C LEU D 86 -11.67 6.44 -1.74
N THR D 87 -10.47 6.90 -2.12
CA THR D 87 -10.08 8.29 -1.94
C THR D 87 -9.74 8.89 -3.29
N SER D 88 -9.29 10.14 -3.28
CA SER D 88 -8.89 10.81 -4.51
C SER D 88 -7.63 10.18 -5.10
N GLU D 89 -6.90 9.47 -4.25
CA GLU D 89 -5.66 8.82 -4.67
C GLU D 89 -5.96 7.54 -5.45
N ASP D 90 -7.22 7.11 -5.43
CA ASP D 90 -7.64 5.92 -6.15
C ASP D 90 -8.26 6.25 -7.50
N SER D 91 -8.28 7.54 -7.84
CA SER D 91 -8.80 7.97 -9.12
C SER D 91 -7.79 7.68 -10.22
N ALA D 92 -8.08 6.64 -11.00
CA ALA D 92 -7.16 6.23 -12.07
C ALA D 92 -7.87 5.34 -13.09
N VAL D 93 -7.12 4.89 -14.10
CA VAL D 93 -7.64 3.96 -15.08
C VAL D 93 -7.21 2.54 -14.73
N TYR D 94 -8.18 1.63 -14.63
CA TYR D 94 -7.87 0.26 -14.23
C TYR D 94 -8.01 -0.73 -15.38
N TYR D 95 -6.88 -1.27 -15.82
CA TYR D 95 -6.86 -2.26 -16.89
C TYR D 95 -6.95 -3.68 -16.33
N CYS D 96 -7.54 -4.58 -17.11
CA CYS D 96 -7.44 -6.00 -16.85
C CYS D 96 -6.75 -6.64 -18.04
N THR D 97 -5.79 -7.53 -17.78
CA THR D 97 -5.01 -8.12 -18.86
C THR D 97 -4.61 -9.55 -18.54
N ILE D 98 -4.30 -10.33 -19.56
CA ILE D 98 -3.90 -11.72 -19.34
C ILE D 98 -2.41 -11.98 -19.63
N ASP D 99 -1.83 -12.89 -18.85
CA ASP D 99 -0.45 -13.31 -19.04
C ASP D 99 -0.45 -14.55 -19.92
N ASP D 100 -0.28 -14.36 -21.22
CA ASP D 100 -0.29 -15.47 -22.17
C ASP D 100 1.11 -16.04 -22.40
N GLY D 101 2.01 -15.84 -21.44
CA GLY D 101 3.34 -16.40 -21.51
C GLY D 101 4.43 -15.45 -21.03
N TYR D 102 4.34 -15.05 -19.75
CA TYR D 102 5.27 -14.06 -19.18
C TYR D 102 5.25 -12.78 -20.00
N ARG D 103 4.05 -12.36 -20.36
CA ARG D 103 3.81 -11.20 -21.20
C ARG D 103 2.34 -10.85 -21.14
N PHE D 104 2.03 -9.56 -21.06
CA PHE D 104 0.63 -9.12 -21.11
C PHE D 104 0.24 -8.85 -22.55
N GLY D 105 -0.08 -9.92 -23.27
CA GLY D 105 -0.35 -9.85 -24.69
C GLY D 105 -1.74 -9.35 -25.03
N TYR D 106 -2.66 -9.49 -24.08
CA TYR D 106 -4.03 -9.04 -24.28
C TYR D 106 -4.53 -8.20 -23.11
N TRP D 107 -4.87 -6.95 -23.42
CA TRP D 107 -5.34 -5.99 -22.43
C TRP D 107 -6.80 -5.64 -22.66
N GLY D 108 -7.43 -5.05 -21.65
CA GLY D 108 -8.76 -4.48 -21.80
C GLY D 108 -8.63 -3.02 -22.16
N GLN D 109 -9.75 -2.34 -22.37
CA GLN D 109 -9.73 -0.92 -22.74
C GLN D 109 -9.52 -0.03 -21.52
N GLY D 110 -9.64 -0.60 -20.33
CA GLY D 110 -9.41 0.13 -19.10
C GLY D 110 -10.64 0.86 -18.62
N THR D 111 -10.86 0.81 -17.31
CA THR D 111 -12.02 1.48 -16.70
C THR D 111 -11.59 2.74 -15.96
N LEU D 112 -12.04 3.90 -16.44
CA LEU D 112 -11.72 5.17 -15.79
C LEU D 112 -12.55 5.37 -14.53
N VAL D 113 -11.90 5.25 -13.38
CA VAL D 113 -12.59 5.42 -12.11
C VAL D 113 -12.34 6.82 -11.54
N THR D 114 -13.43 7.56 -11.32
CA THR D 114 -13.34 8.90 -10.76
C THR D 114 -13.92 8.94 -9.34
N VAL D 115 -13.11 9.39 -8.39
CA VAL D 115 -13.56 9.54 -7.02
C VAL D 115 -13.72 11.01 -6.68
N SER D 116 -14.97 11.45 -6.55
CA SER D 116 -15.26 12.86 -6.28
C SER D 116 -16.63 13.02 -5.64
N ALA D 117 -16.77 14.08 -4.84
CA ALA D 117 -18.04 14.39 -4.19
C ALA D 117 -18.94 15.19 -5.13
N ALA D 118 -18.35 15.70 -6.21
CA ALA D 118 -19.07 16.50 -7.20
C ALA D 118 -20.22 15.73 -7.84
N LYS D 119 -21.23 16.46 -8.30
CA LYS D 119 -22.43 15.85 -8.86
C LYS D 119 -22.34 15.69 -10.37
N THR D 120 -22.95 14.63 -10.88
CA THR D 120 -23.03 14.39 -12.33
C THR D 120 -23.79 15.52 -13.01
N THR D 121 -23.20 16.08 -14.06
CA THR D 121 -23.80 17.21 -14.76
C THR D 121 -23.75 17.03 -16.27
N ALA D 122 -24.91 17.20 -16.92
CA ALA D 122 -24.99 17.09 -18.38
C ALA D 122 -24.27 18.27 -19.05
N PRO D 123 -23.61 17.99 -20.18
CA PRO D 123 -22.82 19.00 -20.89
C PRO D 123 -23.68 19.93 -21.75
N SER D 124 -23.23 21.17 -21.92
CA SER D 124 -23.83 22.09 -22.86
C SER D 124 -22.98 22.14 -24.12
N VAL D 125 -23.59 21.84 -25.26
CA VAL D 125 -22.85 21.79 -26.52
C VAL D 125 -23.16 23.00 -27.40
N TYR D 126 -22.10 23.73 -27.76
CA TYR D 126 -22.23 24.95 -28.55
C TYR D 126 -21.49 24.81 -29.87
N PRO D 127 -22.17 25.14 -30.98
CA PRO D 127 -21.56 25.11 -32.31
C PRO D 127 -20.65 26.31 -32.52
N LEU D 128 -19.44 26.06 -33.04
CA LEU D 128 -18.49 27.14 -33.29
C LEU D 128 -18.34 27.41 -34.77
N ALA D 129 -19.04 28.44 -35.25
CA ALA D 129 -19.00 28.83 -36.65
C ALA D 129 -17.97 29.93 -36.85
N PRO D 130 -17.36 29.99 -38.05
CA PRO D 130 -16.36 31.01 -38.37
C PRO D 130 -16.93 32.41 -38.27
N VAL D 131 -16.05 33.41 -38.13
CA VAL D 131 -16.48 34.80 -38.05
C VAL D 131 -17.22 35.22 -39.31
N CYS D 132 -18.08 36.23 -39.20
CA CYS D 132 -18.87 36.70 -40.33
C CYS D 132 -17.99 37.17 -41.48
N GLY D 133 -18.49 37.00 -42.70
CA GLY D 133 -17.74 37.34 -43.89
C GLY D 133 -17.15 36.10 -44.53
N ASP D 134 -15.98 36.25 -45.13
CA ASP D 134 -15.32 35.14 -45.80
C ASP D 134 -14.38 34.38 -44.87
N THR D 135 -13.73 33.35 -45.41
CA THR D 135 -12.79 32.53 -44.66
C THR D 135 -11.48 32.41 -45.43
N THR D 136 -10.36 32.50 -44.71
CA THR D 136 -9.03 32.47 -45.31
C THR D 136 -8.78 31.22 -46.15
N GLY D 137 -8.27 31.42 -47.37
CA GLY D 137 -7.91 30.32 -48.25
C GLY D 137 -9.11 29.55 -48.79
N SER D 138 -8.88 28.30 -49.16
CA SER D 138 -9.93 27.44 -49.69
C SER D 138 -10.37 26.41 -48.66
N SER D 139 -9.89 26.57 -47.44
CA SER D 139 -10.25 25.66 -46.35
C SER D 139 -10.90 26.41 -45.19
N VAL D 140 -11.92 25.79 -44.60
CA VAL D 140 -12.63 26.36 -43.47
C VAL D 140 -12.56 25.44 -42.25
N THR D 141 -12.35 26.05 -41.09
CA THR D 141 -12.30 25.31 -39.83
C THR D 141 -13.54 25.58 -39.00
N LEU D 142 -14.24 24.52 -38.61
CA LEU D 142 -15.39 24.62 -37.73
C LEU D 142 -15.00 24.09 -36.35
N GLY D 143 -15.82 24.39 -35.35
CA GLY D 143 -15.53 23.95 -34.01
C GLY D 143 -16.76 23.46 -33.25
N CYS D 144 -16.50 22.79 -32.14
CA CYS D 144 -17.57 22.32 -31.26
C CYS D 144 -17.10 22.43 -29.81
N LEU D 145 -17.93 23.05 -28.98
CA LEU D 145 -17.55 23.34 -27.60
C LEU D 145 -18.46 22.63 -26.59
N VAL D 146 -17.88 21.69 -25.86
CA VAL D 146 -18.58 20.96 -24.81
C VAL D 146 -18.21 21.57 -23.45
N LYS D 147 -19.19 22.13 -22.75
CA LYS D 147 -18.91 22.88 -21.53
C LYS D 147 -19.77 22.51 -20.33
N GLY D 148 -19.14 22.44 -19.16
CA GLY D 148 -19.84 22.25 -17.91
C GLY D 148 -20.40 20.87 -17.67
N TYR D 149 -19.56 19.84 -17.80
CA TYR D 149 -20.00 18.47 -17.54
C TYR D 149 -19.14 17.76 -16.51
N PHE D 150 -19.70 16.70 -15.95
CA PHE D 150 -19.01 15.87 -14.97
C PHE D 150 -19.76 14.55 -14.80
N PRO D 151 -19.02 13.44 -14.71
CA PRO D 151 -17.57 13.39 -14.83
C PRO D 151 -17.15 12.99 -16.23
N GLU D 152 -15.87 12.64 -16.39
CA GLU D 152 -15.37 12.07 -17.63
C GLU D 152 -16.02 10.71 -17.84
N PRO D 153 -16.12 10.25 -19.10
CA PRO D 153 -15.69 10.94 -20.32
C PRO D 153 -16.86 11.40 -21.18
N VAL D 154 -16.54 12.12 -22.25
CA VAL D 154 -17.50 12.41 -23.30
C VAL D 154 -16.91 11.92 -24.62
N THR D 155 -17.78 11.59 -25.56
CA THR D 155 -17.33 11.19 -26.89
C THR D 155 -17.83 12.16 -27.94
N LEU D 156 -16.91 12.70 -28.74
CA LEU D 156 -17.27 13.68 -29.76
C LEU D 156 -16.85 13.19 -31.14
N THR D 157 -17.83 13.10 -32.04
CA THR D 157 -17.57 12.72 -33.41
C THR D 157 -18.06 13.79 -34.38
N TRP D 158 -17.71 13.65 -35.66
CA TRP D 158 -18.18 14.57 -36.68
C TRP D 158 -18.90 13.82 -37.78
N ASN D 159 -20.17 14.16 -37.98
CA ASN D 159 -21.04 13.43 -38.90
C ASN D 159 -21.08 11.94 -38.60
N SER D 160 -21.22 11.61 -37.32
CA SER D 160 -21.30 10.24 -36.84
C SER D 160 -20.04 9.43 -37.18
N GLY D 161 -18.91 10.11 -37.21
CA GLY D 161 -17.63 9.46 -37.46
C GLY D 161 -17.24 9.45 -38.92
N SER D 162 -18.15 9.88 -39.79
CA SER D 162 -17.89 9.93 -41.23
C SER D 162 -16.78 10.93 -41.53
N LEU D 163 -16.75 12.01 -40.74
CA LEU D 163 -15.75 13.04 -40.89
C LEU D 163 -14.67 12.87 -39.81
N SER D 164 -13.55 12.29 -40.20
CA SER D 164 -12.48 11.99 -39.24
C SER D 164 -11.17 12.69 -39.61
N SER D 165 -11.02 13.03 -40.87
CA SER D 165 -9.81 13.72 -41.33
C SER D 165 -9.88 15.21 -41.02
N GLY D 166 -8.76 15.76 -40.56
CA GLY D 166 -8.69 17.17 -40.23
C GLY D 166 -9.36 17.47 -38.90
N VAL D 167 -9.57 16.43 -38.10
CA VAL D 167 -10.24 16.58 -36.81
C VAL D 167 -9.24 16.60 -35.66
N HIS D 168 -9.37 17.59 -34.79
CA HIS D 168 -8.57 17.68 -33.58
C HIS D 168 -9.46 17.79 -32.35
N THR D 169 -9.56 16.69 -31.60
CA THR D 169 -10.31 16.70 -30.35
C THR D 169 -9.34 16.92 -29.19
N PHE D 170 -9.62 17.95 -28.39
CA PHE D 170 -8.70 18.35 -27.33
C PHE D 170 -9.13 17.76 -25.98
N PRO D 171 -8.14 17.27 -25.20
CA PRO D 171 -8.39 16.68 -23.88
C PRO D 171 -9.12 17.64 -22.95
N ALA D 172 -10.11 17.14 -22.23
CA ALA D 172 -10.91 17.96 -21.34
C ALA D 172 -10.08 18.60 -20.23
N VAL D 173 -10.54 19.72 -19.73
CA VAL D 173 -9.87 20.39 -18.62
C VAL D 173 -10.86 20.68 -17.50
N LEU D 174 -10.49 20.30 -16.28
CA LEU D 174 -11.36 20.45 -15.12
C LEU D 174 -11.20 21.82 -14.47
N GLN D 175 -12.32 22.46 -14.18
CA GLN D 175 -12.33 23.72 -13.43
C GLN D 175 -13.62 23.84 -12.63
N SER D 176 -13.47 23.99 -11.32
CA SER D 176 -14.60 24.10 -10.40
C SER D 176 -15.56 22.91 -10.54
N ASP D 177 -15.01 21.71 -10.54
CA ASP D 177 -15.77 20.46 -10.64
C ASP D 177 -16.59 20.35 -11.93
N LEU D 178 -16.15 21.04 -12.97
CA LEU D 178 -16.79 20.96 -14.28
C LEU D 178 -15.76 20.90 -15.39
N TYR D 179 -15.97 19.99 -16.35
CA TYR D 179 -15.02 19.79 -17.44
C TYR D 179 -15.35 20.63 -18.66
N THR D 180 -14.31 21.00 -19.41
CA THR D 180 -14.48 21.71 -20.67
C THR D 180 -13.62 21.07 -21.76
N LEU D 181 -14.28 20.67 -22.85
CA LEU D 181 -13.61 20.01 -23.96
C LEU D 181 -13.98 20.72 -25.26
N SER D 182 -13.08 20.72 -26.24
CA SER D 182 -13.35 21.35 -27.51
C SER D 182 -12.82 20.52 -28.67
N SER D 183 -13.35 20.76 -29.86
CA SER D 183 -12.85 20.05 -31.05
C SER D 183 -12.93 20.90 -32.31
N SER D 184 -11.97 20.70 -33.21
CA SER D 184 -11.95 21.44 -34.47
C SER D 184 -12.00 20.48 -35.65
N VAL D 185 -12.52 20.95 -36.77
CA VAL D 185 -12.50 20.17 -37.99
C VAL D 185 -12.29 21.07 -39.21
N THR D 186 -11.27 20.74 -40.00
CA THR D 186 -10.95 21.56 -41.18
C THR D 186 -11.34 20.84 -42.47
N VAL D 187 -12.29 21.42 -43.19
CA VAL D 187 -12.74 20.85 -44.45
C VAL D 187 -12.53 21.85 -45.59
N THR D 188 -12.69 21.40 -46.82
CA THR D 188 -12.60 22.30 -47.97
C THR D 188 -13.84 23.18 -48.02
N SER D 189 -13.67 24.41 -48.49
CA SER D 189 -14.76 25.37 -48.55
C SER D 189 -15.88 24.93 -49.50
N SER D 190 -15.53 24.07 -50.44
CA SER D 190 -16.50 23.54 -51.40
C SER D 190 -17.43 22.53 -50.75
N THR D 191 -17.10 22.10 -49.52
CA THR D 191 -17.90 21.11 -48.82
C THR D 191 -18.72 21.70 -47.65
N TRP D 192 -18.35 22.89 -47.20
CA TRP D 192 -19.11 23.59 -46.18
C TRP D 192 -19.23 25.07 -46.52
N PRO D 193 -20.42 25.65 -46.33
CA PRO D 193 -21.62 25.02 -45.77
C PRO D 193 -22.49 24.31 -46.81
N SER D 194 -21.90 23.87 -47.91
CA SER D 194 -22.68 23.18 -48.95
C SER D 194 -23.22 21.85 -48.44
N GLN D 195 -22.40 21.14 -47.68
CA GLN D 195 -22.82 19.88 -47.06
C GLN D 195 -22.82 20.06 -45.54
N SER D 196 -23.82 19.47 -44.89
CA SER D 196 -24.00 19.66 -43.45
C SER D 196 -22.89 19.02 -42.62
N ILE D 197 -22.45 19.75 -41.61
CA ILE D 197 -21.45 19.22 -40.68
C ILE D 197 -21.97 19.33 -39.23
N THR D 198 -22.17 18.18 -38.60
CA THR D 198 -22.74 18.13 -37.27
C THR D 198 -21.82 17.43 -36.29
N CYS D 199 -21.60 18.05 -35.13
CA CYS D 199 -20.81 17.41 -34.08
C CYS D 199 -21.71 16.61 -33.14
N ASN D 200 -21.31 15.38 -32.86
CA ASN D 200 -22.11 14.47 -32.04
C ASN D 200 -21.43 14.22 -30.70
N VAL D 201 -22.07 14.67 -29.63
CA VAL D 201 -21.49 14.56 -28.29
C VAL D 201 -22.31 13.62 -27.41
N ALA D 202 -21.65 12.66 -26.80
CA ALA D 202 -22.30 11.72 -25.90
C ALA D 202 -21.66 11.71 -24.52
N HIS D 203 -22.49 11.91 -23.49
CA HIS D 203 -22.04 11.87 -22.11
C HIS D 203 -22.86 10.84 -21.35
N PRO D 204 -22.42 9.57 -21.39
CA PRO D 204 -23.14 8.41 -20.84
C PRO D 204 -23.50 8.55 -19.36
N ALA D 205 -22.69 9.30 -18.62
CA ALA D 205 -22.92 9.50 -17.19
C ALA D 205 -24.27 10.18 -16.92
N SER D 206 -24.66 11.09 -17.81
CA SER D 206 -25.92 11.80 -17.67
C SER D 206 -26.92 11.34 -18.74
N SER D 207 -26.59 10.25 -19.42
CA SER D 207 -27.41 9.71 -20.50
C SER D 207 -27.72 10.78 -21.56
N THR D 208 -26.68 11.52 -21.95
CA THR D 208 -26.83 12.64 -22.87
C THR D 208 -26.31 12.30 -24.27
N LYS D 209 -27.13 12.59 -25.28
CA LYS D 209 -26.71 12.48 -26.67
C LYS D 209 -27.20 13.69 -27.45
N VAL D 210 -26.26 14.58 -27.77
CA VAL D 210 -26.60 15.84 -28.43
C VAL D 210 -25.91 15.99 -29.78
N ASP D 211 -26.70 16.26 -30.82
CA ASP D 211 -26.16 16.54 -32.14
C ASP D 211 -26.31 18.03 -32.44
N LYS D 212 -25.19 18.69 -32.71
CA LYS D 212 -25.21 20.13 -32.99
C LYS D 212 -24.68 20.42 -34.39
N LYS D 213 -25.56 20.90 -35.26
CA LYS D 213 -25.19 21.24 -36.63
C LYS D 213 -24.55 22.62 -36.69
N ILE D 214 -23.41 22.71 -37.38
CA ILE D 214 -22.71 23.97 -37.51
C ILE D 214 -23.31 24.82 -38.61
N GLU D 215 -24.11 25.82 -38.20
CA GLU D 215 -24.73 26.74 -39.15
C GLU D 215 -23.88 28.00 -39.29
N PRO D 216 -23.75 28.51 -40.51
CA PRO D 216 -23.02 29.75 -40.78
C PRO D 216 -23.65 30.93 -40.04
N ARG D 217 -22.85 31.95 -39.75
CA ARG D 217 -23.36 33.14 -39.09
C ARG D 217 -23.99 34.11 -40.08
N ASP E 1 2.05 -13.00 3.30
CA ASP E 1 2.90 -12.75 4.46
C ASP E 1 2.39 -13.50 5.69
N ILE E 2 2.84 -13.06 6.85
CA ILE E 2 2.36 -13.62 8.10
C ILE E 2 1.22 -12.78 8.65
N GLN E 3 0.05 -13.40 8.80
CA GLN E 3 -1.12 -12.71 9.32
C GLN E 3 -1.47 -13.21 10.72
N MET E 4 -1.63 -12.28 11.64
CA MET E 4 -1.93 -12.62 13.03
C MET E 4 -3.42 -12.48 13.32
N THR E 5 -4.08 -13.61 13.54
CA THR E 5 -5.49 -13.62 13.93
C THR E 5 -5.61 -13.88 15.43
N GLN E 6 -6.22 -12.93 16.12
CA GLN E 6 -6.29 -12.97 17.58
C GLN E 6 -7.70 -13.27 18.05
N SER E 7 -7.83 -14.02 19.13
CA SER E 7 -9.15 -14.37 19.67
C SER E 7 -9.11 -14.51 21.18
N PRO E 8 -10.22 -14.16 21.86
CA PRO E 8 -11.47 -13.60 21.33
C PRO E 8 -11.32 -12.13 20.98
N ALA E 9 -12.18 -11.62 20.11
CA ALA E 9 -12.14 -10.21 19.72
C ALA E 9 -12.41 -9.32 20.95
N SER E 10 -13.30 -9.80 21.81
CA SER E 10 -13.62 -9.10 23.06
C SER E 10 -13.93 -10.12 24.14
N LEU E 11 -13.67 -9.76 25.39
CA LEU E 11 -13.90 -10.70 26.49
C LEU E 11 -14.20 -10.00 27.80
N SER E 12 -15.16 -10.50 28.57
CA SER E 12 -15.49 -9.89 29.86
C SER E 12 -15.35 -10.88 31.02
N ALA E 13 -14.54 -10.52 32.01
CA ALA E 13 -14.31 -11.45 33.13
C ALA E 13 -14.12 -10.77 34.49
N SER E 14 -14.64 -11.42 35.53
CA SER E 14 -14.60 -10.88 36.88
C SER E 14 -13.21 -10.88 37.48
N VAL E 15 -13.03 -10.10 38.55
CA VAL E 15 -11.75 -9.99 39.22
C VAL E 15 -11.39 -11.29 39.95
N GLY E 16 -10.21 -11.82 39.65
CA GLY E 16 -9.73 -13.04 40.27
C GLY E 16 -9.90 -14.24 39.36
N GLU E 17 -10.69 -14.07 38.30
CA GLU E 17 -10.94 -15.14 37.34
C GLU E 17 -9.74 -15.32 36.41
N THR E 18 -9.56 -16.53 35.92
CA THR E 18 -8.44 -16.84 35.02
C THR E 18 -8.84 -16.71 33.56
N VAL E 19 -8.12 -15.88 32.81
CA VAL E 19 -8.42 -15.70 31.40
C VAL E 19 -7.27 -16.12 30.49
N THR E 20 -7.62 -16.58 29.29
CA THR E 20 -6.62 -16.97 28.31
C THR E 20 -7.00 -16.46 26.93
N ILE E 21 -6.10 -15.68 26.33
CA ILE E 21 -6.32 -15.19 24.97
C ILE E 21 -5.33 -15.83 24.01
N THR E 22 -5.82 -16.24 22.84
CA THR E 22 -4.99 -16.96 21.87
C THR E 22 -4.64 -16.12 20.65
N CYS E 23 -3.47 -16.41 20.11
CA CYS E 23 -2.94 -15.74 18.93
C CYS E 23 -2.48 -16.79 17.93
N ARG E 24 -3.02 -16.71 16.71
CA ARG E 24 -2.70 -17.69 15.67
C ARG E 24 -2.05 -17.02 14.46
N ALA E 25 -0.91 -17.55 14.03
CA ALA E 25 -0.22 -17.01 12.87
C ALA E 25 -0.48 -17.87 11.63
N SER E 26 -0.58 -17.22 10.47
CA SER E 26 -0.83 -17.92 9.22
C SER E 26 0.33 -18.82 8.83
N GLY E 27 1.51 -18.53 9.38
CA GLY E 27 2.69 -19.36 9.17
C GLY E 27 3.48 -19.49 10.46
N ASN E 28 4.36 -20.48 10.50
CA ASN E 28 5.17 -20.72 11.69
C ASN E 28 6.13 -19.55 11.96
N ILE E 29 6.03 -18.97 13.16
CA ILE E 29 6.85 -17.81 13.49
C ILE E 29 7.94 -18.12 14.52
N HIS E 30 8.03 -19.38 14.92
CA HIS E 30 9.18 -19.90 15.67
C HIS E 30 9.46 -19.17 16.98
N ASN E 31 8.40 -18.94 17.76
CA ASN E 31 8.52 -18.30 19.06
C ASN E 31 9.06 -16.86 19.02
N TYR E 32 9.05 -16.25 17.84
CA TYR E 32 9.39 -14.84 17.71
C TYR E 32 8.12 -14.01 17.84
N LEU E 33 7.57 -13.97 19.06
CA LEU E 33 6.29 -13.31 19.29
C LEU E 33 6.28 -12.47 20.56
N ALA E 34 5.64 -11.31 20.48
CA ALA E 34 5.53 -10.40 21.61
C ALA E 34 4.07 -10.07 21.92
N TRP E 35 3.77 -9.93 23.22
CA TRP E 35 2.47 -9.49 23.68
C TRP E 35 2.58 -8.08 24.27
N TYR E 36 1.72 -7.18 23.78
CA TYR E 36 1.63 -5.82 24.28
C TYR E 36 0.28 -5.55 24.92
N GLN E 37 0.27 -4.63 25.88
CA GLN E 37 -0.98 -4.15 26.48
C GLN E 37 -1.12 -2.65 26.22
N GLN E 38 -2.27 -2.25 25.70
CA GLN E 38 -2.55 -0.83 25.50
C GLN E 38 -3.95 -0.44 25.93
N LYS E 39 -4.03 0.62 26.73
CA LYS E 39 -5.31 1.20 27.11
C LYS E 39 -5.32 2.69 26.78
N GLN E 40 -6.23 3.09 25.90
CA GLN E 40 -6.35 4.47 25.45
C GLN E 40 -6.54 5.42 26.63
N GLY E 41 -5.90 6.57 26.61
CA GLY E 41 -5.08 6.99 25.49
C GLY E 41 -3.59 6.99 25.75
N LYS E 42 -3.05 5.83 26.13
CA LYS E 42 -1.62 5.68 26.33
C LYS E 42 -0.98 4.83 25.23
N SER E 43 0.34 4.77 25.23
CA SER E 43 1.07 3.96 24.27
C SER E 43 1.20 2.52 24.79
N PRO E 44 1.29 1.55 23.87
CA PRO E 44 1.32 0.13 24.28
C PRO E 44 2.54 -0.23 25.11
N GLN E 45 2.34 -1.12 26.08
CA GLN E 45 3.41 -1.57 26.96
C GLN E 45 3.77 -3.01 26.65
N LEU E 46 5.07 -3.28 26.54
CA LEU E 46 5.53 -4.64 26.30
C LEU E 46 5.25 -5.54 27.50
N LEU E 47 4.48 -6.59 27.28
CA LEU E 47 4.21 -7.57 28.33
C LEU E 47 5.13 -8.77 28.19
N VAL E 48 5.12 -9.37 27.01
CA VAL E 48 5.89 -10.60 26.78
C VAL E 48 6.72 -10.49 25.50
N TYR E 49 7.89 -11.12 25.50
CA TYR E 49 8.64 -11.30 24.26
C TYR E 49 9.19 -12.73 24.21
N ASN E 50 9.61 -13.17 23.02
CA ASN E 50 10.03 -14.56 22.80
C ASN E 50 8.97 -15.57 23.23
N ALA E 51 7.71 -15.16 23.10
CA ALA E 51 6.54 -15.99 23.44
C ALA E 51 6.35 -16.32 24.93
N LYS E 52 7.43 -16.68 25.62
CA LYS E 52 7.30 -17.10 27.02
C LYS E 52 8.08 -16.24 28.03
N THR E 53 8.76 -15.21 27.56
CA THR E 53 9.55 -14.37 28.44
C THR E 53 8.83 -13.08 28.82
N LEU E 54 8.58 -12.91 30.11
CA LEU E 54 7.93 -11.70 30.61
C LEU E 54 8.88 -10.50 30.60
N ALA E 55 8.34 -9.34 30.28
CA ALA E 55 9.11 -8.11 30.32
C ALA E 55 9.31 -7.69 31.77
N ASP E 56 10.13 -6.67 31.99
CA ASP E 56 10.43 -6.20 33.34
C ASP E 56 9.23 -5.51 33.98
N GLY E 57 8.96 -5.84 35.24
CA GLY E 57 7.90 -5.19 35.99
C GLY E 57 6.53 -5.83 35.81
N VAL E 58 6.46 -6.86 34.97
CA VAL E 58 5.20 -7.56 34.74
C VAL E 58 4.91 -8.52 35.89
N PRO E 59 3.74 -8.38 36.53
CA PRO E 59 3.37 -9.18 37.70
C PRO E 59 3.39 -10.68 37.45
N SER E 60 3.56 -11.46 38.51
CA SER E 60 3.69 -12.91 38.42
C SER E 60 2.42 -13.60 37.91
N ARG E 61 1.31 -12.88 37.96
CA ARG E 61 0.02 -13.45 37.55
C ARG E 61 -0.09 -13.56 36.03
N PHE E 62 0.89 -12.97 35.34
CA PHE E 62 0.95 -13.06 33.89
C PHE E 62 1.82 -14.22 33.43
N SER E 63 1.35 -14.96 32.44
CA SER E 63 2.14 -16.02 31.83
C SER E 63 1.83 -16.08 30.34
N ALA E 64 2.69 -16.73 29.58
CA ALA E 64 2.48 -16.86 28.14
C ALA E 64 3.26 -18.04 27.57
N SER E 65 2.68 -18.72 26.59
CA SER E 65 3.33 -19.89 26.02
C SER E 65 2.90 -20.14 24.57
N GLY E 66 3.27 -21.29 24.05
CA GLY E 66 2.89 -21.68 22.71
C GLY E 66 4.09 -21.90 21.80
N SER E 67 3.83 -22.48 20.63
CA SER E 67 4.86 -22.71 19.64
C SER E 67 4.22 -22.81 18.25
N GLY E 68 5.05 -22.93 17.24
CA GLY E 68 4.56 -23.05 15.88
C GLY E 68 3.74 -21.86 15.44
N THR E 69 2.44 -22.07 15.32
CA THR E 69 1.53 -21.00 14.91
C THR E 69 0.54 -20.68 16.02
N GLN E 70 0.60 -21.45 17.10
CA GLN E 70 -0.35 -21.29 18.20
C GLN E 70 0.32 -20.70 19.43
N TYR E 71 -0.20 -19.58 19.92
CA TYR E 71 0.34 -18.95 21.12
C TYR E 71 -0.76 -18.50 22.06
N SER E 72 -0.44 -18.37 23.35
CA SER E 72 -1.45 -18.00 24.33
C SER E 72 -0.91 -17.12 25.44
N LEU E 73 -1.63 -16.05 25.74
CA LEU E 73 -1.35 -15.21 26.89
C LEU E 73 -2.39 -15.50 27.97
N LYS E 74 -1.92 -15.95 29.13
CA LYS E 74 -2.82 -16.28 30.24
C LYS E 74 -2.63 -15.36 31.42
N ILE E 75 -3.73 -14.75 31.86
CA ILE E 75 -3.74 -13.93 33.06
C ILE E 75 -4.47 -14.67 34.18
N ASN E 76 -3.72 -15.01 35.23
CA ASN E 76 -4.30 -15.64 36.40
C ASN E 76 -4.66 -14.56 37.41
N SER E 77 -5.72 -14.78 38.17
CA SER E 77 -6.19 -13.82 39.17
C SER E 77 -6.35 -12.41 38.59
N LEU E 78 -7.24 -12.29 37.61
CA LEU E 78 -7.48 -11.04 36.90
C LEU E 78 -7.72 -9.84 37.82
N GLN E 79 -7.07 -8.72 37.53
CA GLN E 79 -7.18 -7.51 38.34
C GLN E 79 -7.87 -6.40 37.54
N PRO E 80 -8.45 -5.41 38.24
CA PRO E 80 -9.08 -4.27 37.57
C PRO E 80 -8.09 -3.51 36.69
N GLU E 81 -6.81 -3.57 37.06
CA GLU E 81 -5.74 -2.95 36.28
C GLU E 81 -5.69 -3.50 34.86
N ASP E 82 -5.82 -4.82 34.75
CA ASP E 82 -5.56 -5.54 33.50
C ASP E 82 -6.64 -5.33 32.44
N PHE E 83 -7.45 -4.28 32.59
CA PHE E 83 -8.41 -3.92 31.56
C PHE E 83 -7.66 -3.29 30.40
N GLY E 84 -8.31 -3.21 29.24
CA GLY E 84 -7.68 -2.62 28.08
C GLY E 84 -7.49 -3.63 26.96
N SER E 85 -6.92 -3.16 25.85
CA SER E 85 -6.71 -4.03 24.69
C SER E 85 -5.37 -4.75 24.75
N TYR E 86 -5.37 -6.00 24.32
CA TYR E 86 -4.15 -6.80 24.27
C TYR E 86 -3.83 -7.19 22.83
N TYR E 87 -2.58 -6.98 22.43
CA TYR E 87 -2.16 -7.24 21.06
C TYR E 87 -1.00 -8.23 20.99
N CYS E 88 -0.96 -9.02 19.93
CA CYS E 88 0.16 -9.92 19.69
C CYS E 88 0.83 -9.52 18.38
N GLN E 89 2.15 -9.63 18.33
CA GLN E 89 2.90 -9.25 17.13
C GLN E 89 4.09 -10.17 16.92
N HIS E 90 4.31 -10.60 15.69
CA HIS E 90 5.43 -11.50 15.41
C HIS E 90 6.69 -10.72 15.03
N PHE E 91 7.84 -11.31 15.32
CA PHE E 91 9.12 -10.73 14.94
C PHE E 91 9.90 -11.72 14.09
N TRP E 92 9.18 -12.60 13.42
CA TRP E 92 9.82 -13.64 12.62
C TRP E 92 10.20 -13.15 11.23
N SER E 93 9.21 -12.73 10.45
CA SER E 93 9.45 -12.34 9.07
C SER E 93 9.05 -10.90 8.79
N THR E 94 9.29 -10.46 7.55
CA THR E 94 8.89 -9.13 7.13
C THR E 94 7.74 -9.23 6.12
N PRO E 95 6.73 -8.34 6.23
CA PRO E 95 6.64 -7.26 7.22
C PRO E 95 6.19 -7.76 8.59
N ARG E 96 6.43 -6.96 9.62
CA ARG E 96 5.92 -7.24 10.95
C ARG E 96 4.43 -6.99 10.96
N THR E 97 3.66 -7.91 11.54
CA THR E 97 2.21 -7.73 11.59
C THR E 97 1.67 -7.94 13.00
N PHE E 98 0.54 -7.31 13.29
CA PHE E 98 -0.08 -7.38 14.61
C PHE E 98 -1.38 -8.16 14.57
N GLY E 99 -1.81 -8.64 15.74
CA GLY E 99 -3.11 -9.26 15.86
C GLY E 99 -4.20 -8.21 15.81
N GLY E 100 -5.43 -8.66 15.60
CA GLY E 100 -6.57 -7.75 15.54
C GLY E 100 -6.83 -7.09 16.88
N GLY E 101 -6.37 -7.75 17.95
CA GLY E 101 -6.52 -7.21 19.29
C GLY E 101 -7.59 -7.93 20.08
N THR E 102 -7.54 -7.77 21.39
CA THR E 102 -8.54 -8.34 22.29
C THR E 102 -8.83 -7.36 23.42
N LYS E 103 -10.00 -6.74 23.40
CA LYS E 103 -10.37 -5.86 24.49
C LYS E 103 -10.84 -6.66 25.72
N LEU E 104 -10.22 -6.35 26.85
CA LEU E 104 -10.54 -7.01 28.10
C LEU E 104 -11.43 -6.13 28.97
N GLU E 105 -12.64 -6.62 29.24
CA GLU E 105 -13.58 -6.03 30.21
C GLU E 105 -13.39 -6.63 31.57
N ILE E 106 -13.37 -5.77 32.57
CA ILE E 106 -13.49 -6.26 33.93
C ILE E 106 -14.95 -6.40 34.31
N LYS E 107 -15.46 -7.63 34.26
CA LYS E 107 -16.82 -7.91 34.69
C LYS E 107 -16.94 -7.63 36.19
N ARG E 108 -17.97 -6.90 36.57
CA ARG E 108 -18.10 -6.47 37.95
C ARG E 108 -19.54 -6.38 38.41
N ALA E 109 -19.73 -5.76 39.57
CA ALA E 109 -21.04 -5.50 40.14
C ALA E 109 -21.88 -4.63 39.22
N ASP E 110 -23.18 -4.90 39.16
CA ASP E 110 -24.09 -4.00 38.48
C ASP E 110 -24.22 -2.72 39.29
N ALA E 111 -24.18 -1.59 38.60
CA ALA E 111 -24.20 -0.29 39.29
C ALA E 111 -25.15 0.70 38.64
N ALA E 112 -26.01 1.30 39.45
CA ALA E 112 -26.90 2.36 38.98
C ALA E 112 -26.09 3.63 38.71
N PRO E 113 -26.44 4.34 37.64
CA PRO E 113 -25.72 5.56 37.26
C PRO E 113 -26.06 6.76 38.14
N THR E 114 -25.07 7.60 38.41
CA THR E 114 -25.29 8.85 39.12
C THR E 114 -25.55 9.97 38.11
N VAL E 115 -26.77 10.48 38.09
CA VAL E 115 -27.19 11.42 37.06
C VAL E 115 -27.14 12.87 37.54
N SER E 116 -26.56 13.74 36.72
CA SER E 116 -26.53 15.18 36.99
C SER E 116 -26.95 15.96 35.76
N ILE E 117 -27.76 16.99 35.95
CA ILE E 117 -28.22 17.80 34.82
C ILE E 117 -27.73 19.24 34.92
N PHE E 118 -27.43 19.84 33.77
CA PHE E 118 -26.83 21.17 33.72
C PHE E 118 -27.45 22.02 32.62
N PRO E 119 -28.08 23.14 33.01
CA PRO E 119 -28.65 24.14 32.10
C PRO E 119 -27.54 24.85 31.33
N PRO E 120 -27.88 25.50 30.21
CA PRO E 120 -26.89 26.26 29.43
C PRO E 120 -26.21 27.34 30.26
N SER E 121 -24.94 27.60 29.95
CA SER E 121 -24.20 28.67 30.62
C SER E 121 -24.61 30.02 30.03
N SER E 122 -24.43 31.08 30.81
CA SER E 122 -24.78 32.42 30.36
C SER E 122 -23.92 32.86 29.18
N GLU E 123 -22.71 32.31 29.10
CA GLU E 123 -21.80 32.63 28.00
C GLU E 123 -22.33 32.06 26.68
N GLN E 124 -22.72 30.79 26.70
CA GLN E 124 -23.25 30.13 25.51
C GLN E 124 -24.55 30.80 25.09
N LEU E 125 -25.37 31.16 26.06
CA LEU E 125 -26.61 31.88 25.80
C LEU E 125 -26.33 33.23 25.16
N THR E 126 -25.23 33.86 25.60
CA THR E 126 -24.77 35.11 25.00
C THR E 126 -24.38 34.87 23.54
N SER E 127 -23.78 33.71 23.28
CA SER E 127 -23.38 33.35 21.91
C SER E 127 -24.56 33.00 21.02
N GLY E 128 -25.71 32.69 21.61
CA GLY E 128 -26.90 32.36 20.86
C GLY E 128 -27.19 30.88 20.80
N GLY E 129 -26.35 30.08 21.44
CA GLY E 129 -26.54 28.65 21.51
C GLY E 129 -26.97 28.24 22.91
N ALA E 130 -27.47 27.01 23.04
CA ALA E 130 -27.93 26.54 24.34
C ALA E 130 -27.82 25.02 24.47
N SER E 131 -26.76 24.57 25.13
CA SER E 131 -26.55 23.14 25.34
C SER E 131 -26.89 22.71 26.77
N VAL E 132 -27.74 21.70 26.88
CA VAL E 132 -28.07 21.12 28.19
C VAL E 132 -27.28 19.81 28.34
N VAL E 133 -26.55 19.68 29.43
CA VAL E 133 -25.65 18.54 29.61
C VAL E 133 -26.13 17.58 30.70
N CYS E 134 -26.07 16.29 30.41
CA CYS E 134 -26.45 15.27 31.38
C CYS E 134 -25.31 14.29 31.58
N PHE E 135 -24.83 14.18 32.83
CA PHE E 135 -23.75 13.28 33.18
C PHE E 135 -24.27 12.03 33.88
N LEU E 136 -23.98 10.88 33.29
CA LEU E 136 -24.33 9.59 33.85
C LEU E 136 -23.05 8.91 34.31
N ASN E 137 -22.74 9.02 35.60
CA ASN E 137 -21.44 8.58 36.09
C ASN E 137 -21.42 7.28 36.90
N ASN E 138 -20.35 6.51 36.72
CA ASN E 138 -20.08 5.31 37.53
C ASN E 138 -21.18 4.25 37.50
N PHE E 139 -21.40 3.67 36.32
CA PHE E 139 -22.40 2.62 36.18
C PHE E 139 -21.85 1.35 35.53
N TYR E 140 -22.58 0.26 35.67
CA TYR E 140 -22.22 -1.01 35.05
C TYR E 140 -23.47 -1.89 34.94
N PRO E 141 -23.68 -2.55 33.78
CA PRO E 141 -22.80 -2.61 32.61
C PRO E 141 -22.77 -1.34 31.75
N LYS E 142 -22.02 -1.39 30.66
CA LYS E 142 -21.77 -0.21 29.84
C LYS E 142 -22.99 0.31 29.09
N ASP E 143 -23.85 -0.60 28.62
CA ASP E 143 -25.02 -0.21 27.86
C ASP E 143 -26.01 0.56 28.72
N ILE E 144 -26.44 1.72 28.22
CA ILE E 144 -27.39 2.56 28.94
C ILE E 144 -28.14 3.45 27.96
N ASN E 145 -29.38 3.81 28.31
CA ASN E 145 -30.21 4.63 27.45
C ASN E 145 -30.46 6.02 28.04
N VAL E 146 -30.26 7.05 27.23
CA VAL E 146 -30.54 8.41 27.66
C VAL E 146 -31.68 9.04 26.85
N LYS E 147 -32.72 9.46 27.55
CA LYS E 147 -33.87 10.09 26.90
C LYS E 147 -34.06 11.53 27.36
N TRP E 148 -34.03 12.45 26.40
CA TRP E 148 -34.26 13.86 26.69
C TRP E 148 -35.73 14.21 26.52
N LYS E 149 -36.28 14.92 27.52
CA LYS E 149 -37.66 15.36 27.47
C LYS E 149 -37.76 16.87 27.65
N ILE E 150 -38.36 17.52 26.65
CA ILE E 150 -38.62 18.95 26.70
C ILE E 150 -40.11 19.18 26.91
N ASP E 151 -40.45 19.81 28.03
CA ASP E 151 -41.84 20.02 28.43
C ASP E 151 -42.65 18.73 28.45
N GLY E 152 -41.97 17.60 28.64
CA GLY E 152 -42.62 16.31 28.70
C GLY E 152 -42.55 15.50 27.42
N SER E 153 -42.15 16.15 26.32
CA SER E 153 -42.09 15.48 25.02
C SER E 153 -40.66 15.14 24.61
N GLU E 154 -40.43 13.91 24.18
CA GLU E 154 -39.09 13.45 23.85
C GLU E 154 -38.45 14.20 22.68
N ARG E 155 -37.20 14.63 22.88
CA ARG E 155 -36.43 15.29 21.85
C ARG E 155 -35.27 14.39 21.43
N GLN E 156 -35.14 14.16 20.13
CA GLN E 156 -34.17 13.19 19.63
C GLN E 156 -33.00 13.81 18.85
N ASN E 157 -33.27 14.84 18.07
CA ASN E 157 -32.22 15.48 17.28
C ASN E 157 -31.39 16.48 18.08
N GLY E 158 -30.10 16.55 17.76
CA GLY E 158 -29.20 17.48 18.43
C GLY E 158 -28.57 16.90 19.68
N VAL E 159 -28.67 15.58 19.84
CA VAL E 159 -28.12 14.90 21.01
C VAL E 159 -26.76 14.27 20.69
N LEU E 160 -25.77 14.55 21.52
CA LEU E 160 -24.42 14.04 21.33
C LEU E 160 -23.98 13.22 22.54
N ASN E 161 -23.76 11.92 22.35
CA ASN E 161 -23.37 11.05 23.44
C ASN E 161 -21.90 10.62 23.38
N SER E 162 -21.31 10.41 24.56
CA SER E 162 -19.91 9.99 24.63
C SER E 162 -19.60 9.17 25.88
N TRP E 163 -19.28 7.89 25.68
CA TRP E 163 -18.89 7.02 26.78
C TRP E 163 -17.41 7.15 27.10
N THR E 164 -17.05 6.85 28.34
CA THR E 164 -15.64 6.74 28.73
C THR E 164 -15.27 5.26 28.67
N ASP E 165 -13.97 4.98 28.70
CA ASP E 165 -13.51 3.60 28.82
C ASP E 165 -13.75 3.14 30.26
N GLN E 166 -13.64 1.83 30.48
CA GLN E 166 -13.87 1.27 31.80
C GLN E 166 -12.86 1.82 32.80
N ASP E 167 -13.34 2.22 33.96
CA ASP E 167 -12.50 2.83 34.99
C ASP E 167 -11.45 1.85 35.50
N SER E 168 -10.25 2.37 35.77
CA SER E 168 -9.12 1.54 36.17
C SER E 168 -9.25 0.99 37.59
N LYS E 169 -10.14 1.58 38.38
CA LYS E 169 -10.22 1.25 39.79
C LYS E 169 -11.54 0.57 40.20
N ASP E 170 -12.66 1.20 39.90
CA ASP E 170 -13.96 0.62 40.24
C ASP E 170 -14.61 -0.12 39.07
N SER E 171 -13.92 -0.12 37.93
CA SER E 171 -14.37 -0.85 36.73
C SER E 171 -15.73 -0.40 36.21
N THR E 172 -16.11 0.84 36.51
CA THR E 172 -17.42 1.35 36.09
C THR E 172 -17.30 2.21 34.82
N TYR E 173 -18.46 2.69 34.35
CA TYR E 173 -18.50 3.52 33.15
C TYR E 173 -19.16 4.86 33.40
N SER E 174 -18.87 5.81 32.53
CA SER E 174 -19.49 7.12 32.59
C SER E 174 -19.76 7.64 31.19
N MET E 175 -20.92 8.24 30.99
CA MET E 175 -21.27 8.78 29.68
C MET E 175 -21.82 10.20 29.78
N SER E 176 -21.55 10.99 28.74
CA SER E 176 -22.01 12.37 28.70
C SER E 176 -22.97 12.58 27.53
N SER E 177 -24.13 13.17 27.83
CA SER E 177 -25.11 13.47 26.80
C SER E 177 -25.33 14.98 26.68
N THR E 178 -25.19 15.50 25.47
CA THR E 178 -25.31 16.93 25.25
C THR E 178 -26.41 17.27 24.25
N LEU E 179 -27.48 17.90 24.75
CA LEU E 179 -28.57 18.34 23.89
C LEU E 179 -28.35 19.79 23.47
N THR E 180 -27.98 19.99 22.21
CA THR E 180 -27.69 21.32 21.70
C THR E 180 -28.87 21.94 20.95
N LEU E 181 -29.36 23.05 21.47
CA LEU E 181 -30.45 23.80 20.84
C LEU E 181 -29.99 25.20 20.51
N THR E 182 -30.82 25.94 19.77
CA THR E 182 -30.61 27.36 19.59
C THR E 182 -31.19 28.07 20.81
N LYS E 183 -30.76 29.30 21.04
CA LYS E 183 -31.24 30.08 22.18
C LYS E 183 -32.76 30.26 22.12
N ASP E 184 -33.27 30.51 20.92
CA ASP E 184 -34.70 30.70 20.72
C ASP E 184 -35.49 29.42 21.03
N GLU E 185 -34.99 28.29 20.55
CA GLU E 185 -35.63 27.01 20.80
C GLU E 185 -35.60 26.66 22.28
N TYR E 186 -34.52 27.08 22.94
CA TYR E 186 -34.38 26.85 24.38
C TYR E 186 -35.38 27.70 25.17
N GLU E 187 -35.56 28.94 24.74
CA GLU E 187 -36.49 29.85 25.40
C GLU E 187 -37.94 29.58 25.01
N ARG E 188 -38.13 28.72 24.02
CA ARG E 188 -39.46 28.35 23.56
C ARG E 188 -40.16 27.45 24.57
N HIS E 189 -39.37 26.77 25.39
CA HIS E 189 -39.91 25.81 26.35
C HIS E 189 -39.42 26.09 27.77
N ASN E 190 -39.87 25.27 28.72
CA ASN E 190 -39.55 25.50 30.13
C ASN E 190 -38.88 24.31 30.82
N SER E 191 -39.56 23.18 30.87
CA SER E 191 -39.05 22.01 31.60
C SER E 191 -38.08 21.18 30.76
N TYR E 192 -36.91 20.92 31.33
CA TYR E 192 -35.90 20.10 30.67
C TYR E 192 -35.51 18.92 31.55
N THR E 193 -35.58 17.72 30.97
CA THR E 193 -35.42 16.49 31.73
C THR E 193 -34.50 15.50 31.01
N CYS E 194 -33.60 14.86 31.77
CA CYS E 194 -32.84 13.73 31.25
C CYS E 194 -33.17 12.48 32.07
N GLU E 195 -33.49 11.41 31.36
CA GLU E 195 -33.85 10.14 31.99
C GLU E 195 -32.90 9.04 31.57
N ALA E 196 -32.39 8.30 32.55
CA ALA E 196 -31.42 7.24 32.29
C ALA E 196 -32.01 5.85 32.56
N THR E 197 -32.25 5.09 31.49
CA THR E 197 -32.73 3.74 31.61
C THR E 197 -31.57 2.75 31.56
N HIS E 198 -31.39 2.00 32.63
CA HIS E 198 -30.24 1.10 32.76
C HIS E 198 -30.71 -0.31 33.13
N LYS E 199 -29.81 -1.28 33.01
CA LYS E 199 -30.12 -2.68 33.34
C LYS E 199 -30.56 -2.86 34.79
N THR E 200 -29.97 -2.07 35.68
CA THR E 200 -30.22 -2.21 37.12
C THR E 200 -31.69 -2.02 37.53
N SER E 201 -32.43 -1.26 36.73
CA SER E 201 -33.84 -0.99 37.04
C SER E 201 -34.65 -0.57 35.82
N THR E 202 -35.89 -1.01 35.76
CA THR E 202 -36.81 -0.60 34.70
C THR E 202 -37.29 0.83 34.94
N SER E 203 -37.12 1.29 36.18
CA SER E 203 -37.47 2.66 36.54
C SER E 203 -36.36 3.62 36.13
N PRO E 204 -36.69 4.61 35.29
CA PRO E 204 -35.71 5.59 34.81
C PRO E 204 -35.16 6.47 35.92
N ILE E 205 -33.84 6.68 35.94
CA ILE E 205 -33.24 7.61 36.87
C ILE E 205 -33.31 9.01 36.25
N VAL E 206 -34.04 9.90 36.92
CA VAL E 206 -34.44 11.16 36.31
C VAL E 206 -33.83 12.39 36.97
N LYS E 207 -33.33 13.31 36.14
CA LYS E 207 -32.94 14.64 36.62
C LYS E 207 -33.59 15.72 35.76
N SER E 208 -34.06 16.79 36.39
CA SER E 208 -34.79 17.81 35.63
C SER E 208 -34.69 19.21 36.24
N PHE E 209 -34.98 20.21 35.42
CA PHE E 209 -35.01 21.60 35.88
C PHE E 209 -35.97 22.44 35.03
N ASN E 210 -36.27 23.64 35.51
CA ASN E 210 -37.11 24.58 34.76
C ASN E 210 -36.35 25.84 34.38
N ARG E 211 -36.58 26.33 33.16
CA ARG E 211 -35.79 27.43 32.60
C ARG E 211 -35.94 28.75 33.37
N ASN E 212 -37.18 29.16 33.64
CA ASN E 212 -37.43 30.41 34.34
C ASN E 212 -37.30 30.29 35.85
N GLU E 213 -36.43 29.38 36.30
CA GLU E 213 -36.16 29.20 37.72
C GLU E 213 -34.66 29.18 37.97
N GLN F 1 17.71 7.39 31.50
CA GLN F 1 16.38 6.89 31.19
C GLN F 1 16.11 6.95 29.68
N VAL F 2 15.51 5.91 29.15
CA VAL F 2 15.19 5.83 27.73
C VAL F 2 13.83 6.45 27.42
N GLN F 3 13.81 7.43 26.52
CA GLN F 3 12.56 8.04 26.11
C GLN F 3 12.59 8.50 24.65
N LEU F 4 11.44 8.40 23.99
CA LEU F 4 11.29 8.83 22.60
C LEU F 4 10.29 9.98 22.54
N GLN F 5 10.73 11.10 21.99
CA GLN F 5 9.91 12.31 21.97
C GLN F 5 9.41 12.66 20.58
N GLN F 6 8.10 12.79 20.44
CA GLN F 6 7.48 13.15 19.18
C GLN F 6 6.29 14.06 19.42
N PRO F 7 6.08 15.04 18.51
CA PRO F 7 4.98 16.00 18.62
C PRO F 7 3.62 15.34 18.82
N GLY F 8 2.76 15.96 19.61
CA GLY F 8 1.47 15.39 19.95
C GLY F 8 0.53 15.30 18.76
N ALA F 9 0.57 16.31 17.89
CA ALA F 9 -0.35 16.34 16.76
C ALA F 9 0.19 17.13 15.57
N GLU F 10 -0.37 16.83 14.40
CA GLU F 10 -0.05 17.53 13.17
C GLU F 10 -1.29 17.62 12.30
N LEU F 11 -1.61 18.83 11.83
CA LEU F 11 -2.72 19.01 10.90
C LEU F 11 -2.18 19.27 9.50
N VAL F 12 -2.65 18.50 8.54
CA VAL F 12 -2.18 18.65 7.17
C VAL F 12 -3.29 18.51 6.14
N LYS F 13 -3.38 19.46 5.22
CA LYS F 13 -4.39 19.45 4.17
C LYS F 13 -4.16 18.31 3.19
N PRO F 14 -5.26 17.73 2.66
CA PRO F 14 -5.18 16.61 1.70
C PRO F 14 -4.32 16.93 0.49
N GLY F 15 -3.50 15.96 0.07
CA GLY F 15 -2.64 16.12 -1.08
C GLY F 15 -1.28 16.70 -0.73
N ALA F 16 -1.16 17.25 0.47
CA ALA F 16 0.10 17.83 0.92
C ALA F 16 0.99 16.78 1.60
N SER F 17 2.11 17.24 2.14
CA SER F 17 3.08 16.35 2.77
C SER F 17 3.47 16.86 4.15
N VAL F 18 3.79 15.93 5.05
CA VAL F 18 4.21 16.28 6.39
C VAL F 18 5.37 15.39 6.84
N LYS F 19 6.28 15.94 7.64
CA LYS F 19 7.42 15.16 8.13
C LYS F 19 7.40 15.00 9.64
N LEU F 20 7.19 13.77 10.09
CA LEU F 20 7.14 13.47 11.52
C LEU F 20 8.54 13.21 12.08
N SER F 21 8.75 13.63 13.33
CA SER F 21 10.06 13.49 13.96
C SER F 21 10.02 12.56 15.17
N CYS F 22 11.18 12.08 15.58
CA CYS F 22 11.30 11.18 16.72
C CYS F 22 12.68 11.35 17.36
N LYS F 23 12.73 12.13 18.44
CA LYS F 23 14.00 12.40 19.11
C LYS F 23 14.26 11.39 20.22
N ALA F 24 15.33 10.63 20.08
CA ALA F 24 15.67 9.58 21.05
C ALA F 24 16.54 10.12 22.18
N SER F 25 16.36 9.58 23.38
CA SER F 25 17.14 10.01 24.53
C SER F 25 17.42 8.86 25.50
N GLY F 26 18.65 8.79 25.99
CA GLY F 26 18.98 7.89 27.08
C GLY F 26 19.63 6.56 26.70
N TYR F 27 20.05 6.42 25.45
CA TYR F 27 20.71 5.20 25.02
C TYR F 27 21.59 5.43 23.80
N THR F 28 22.55 4.53 23.59
CA THR F 28 23.41 4.60 22.41
C THR F 28 22.57 4.44 21.14
N PHE F 29 22.33 5.57 20.48
CA PHE F 29 21.39 5.66 19.36
C PHE F 29 21.63 4.64 18.23
N THR F 30 22.88 4.34 17.95
CA THR F 30 23.22 3.46 16.83
C THR F 30 22.93 1.98 17.13
N SER F 31 22.73 1.66 18.40
CA SER F 31 22.58 0.28 18.83
C SER F 31 21.25 -0.36 18.45
N TYR F 32 20.21 0.46 18.35
CA TYR F 32 18.87 -0.06 18.09
C TYR F 32 18.22 0.53 16.84
N TRP F 33 17.61 -0.33 16.03
CA TRP F 33 16.89 0.11 14.83
C TRP F 33 15.67 0.94 15.22
N MET F 34 15.26 1.83 14.33
CA MET F 34 14.12 2.70 14.62
C MET F 34 12.90 2.35 13.78
N HIS F 35 11.89 1.79 14.42
CA HIS F 35 10.68 1.35 13.73
C HIS F 35 9.53 2.35 13.83
N TRP F 36 8.70 2.41 12.80
CA TRP F 36 7.53 3.27 12.79
C TRP F 36 6.25 2.45 12.65
N VAL F 37 5.27 2.72 13.52
CA VAL F 37 4.03 1.96 13.53
C VAL F 37 2.82 2.88 13.36
N LYS F 38 1.86 2.44 12.54
CA LYS F 38 0.65 3.21 12.31
C LYS F 38 -0.55 2.62 13.05
N LEU F 39 -1.26 3.45 13.80
CA LEU F 39 -2.44 3.02 14.53
C LEU F 39 -3.67 3.83 14.12
N ARG F 40 -4.61 3.16 13.47
CA ARG F 40 -5.84 3.78 12.99
C ARG F 40 -7.02 2.95 13.47
N PRO F 41 -8.05 3.64 14.01
CA PRO F 41 -9.25 2.94 14.52
C PRO F 41 -9.96 2.12 13.44
N GLY F 42 -10.05 0.81 13.65
CA GLY F 42 -10.68 -0.06 12.70
C GLY F 42 -9.67 -0.87 11.91
N GLN F 43 -8.52 -0.27 11.63
CA GLN F 43 -7.46 -0.92 10.87
C GLN F 43 -6.43 -1.58 11.79
N GLY F 44 -6.41 -1.16 13.05
CA GLY F 44 -5.47 -1.70 14.01
C GLY F 44 -4.05 -1.21 13.79
N PHE F 45 -3.08 -2.02 14.22
CA PHE F 45 -1.68 -1.64 14.08
C PHE F 45 -1.11 -2.04 12.71
N GLU F 46 -0.19 -1.22 12.21
CA GLU F 46 0.49 -1.49 10.95
C GLU F 46 1.94 -1.06 11.01
N TRP F 47 2.85 -2.03 10.88
CA TRP F 47 4.28 -1.74 10.83
C TRP F 47 4.62 -1.06 9.51
N ILE F 48 5.15 0.16 9.59
CA ILE F 48 5.47 0.94 8.40
C ILE F 48 6.86 0.61 7.87
N GLY F 49 7.81 0.43 8.77
CA GLY F 49 9.17 0.10 8.40
C GLY F 49 10.17 0.50 9.46
N ASP F 50 11.45 0.31 9.18
CA ASP F 50 12.50 0.74 10.11
C ASP F 50 13.67 1.44 9.42
N ILE F 51 14.45 2.16 10.21
CA ILE F 51 15.65 2.80 9.72
C ILE F 51 16.84 2.39 10.58
N ASN F 52 17.96 2.12 9.92
CA ASN F 52 19.20 1.75 10.59
C ASN F 52 19.97 3.00 10.97
N PRO F 53 20.15 3.24 12.28
CA PRO F 53 20.85 4.42 12.78
C PRO F 53 22.33 4.46 12.40
N ASN F 54 22.88 3.30 12.01
CA ASN F 54 24.30 3.21 11.67
C ASN F 54 24.62 3.74 10.27
N ASN F 55 23.92 3.26 9.26
CA ASN F 55 24.20 3.64 7.88
C ASN F 55 23.09 4.46 7.22
N GLY F 56 21.95 4.58 7.91
CA GLY F 56 20.82 5.30 7.38
C GLY F 56 20.06 4.47 6.35
N GLY F 57 20.18 3.16 6.44
CA GLY F 57 19.51 2.26 5.53
C GLY F 57 18.12 1.89 6.00
N PRO F 58 17.11 2.14 5.14
CA PRO F 58 15.71 1.87 5.47
C PRO F 58 15.21 0.52 4.96
N SER F 59 14.24 -0.05 5.67
CA SER F 59 13.54 -1.24 5.21
C SER F 59 12.04 -0.99 5.36
N TYR F 60 11.32 -1.05 4.25
CA TYR F 60 9.91 -0.66 4.25
C TYR F 60 8.94 -1.83 4.22
N ASN F 61 7.79 -1.65 4.86
CA ASN F 61 6.63 -2.46 4.56
C ASN F 61 6.27 -2.08 3.12
N GLU F 62 6.08 -3.10 2.28
CA GLU F 62 5.87 -2.86 0.85
C GLU F 62 4.65 -2.00 0.58
N LYS F 63 3.71 -2.02 1.53
CA LYS F 63 2.48 -1.24 1.43
C LYS F 63 2.75 0.26 1.56
N PHE F 64 3.75 0.62 2.37
CA PHE F 64 4.04 2.03 2.66
C PHE F 64 5.25 2.57 1.90
N LYS F 65 5.67 1.88 0.84
CA LYS F 65 6.87 2.26 0.11
C LYS F 65 6.78 3.60 -0.61
N ARG F 66 5.62 3.91 -1.16
CA ARG F 66 5.42 5.18 -1.86
C ARG F 66 4.81 6.24 -0.95
N LYS F 67 4.30 5.80 0.20
CA LYS F 67 3.66 6.72 1.14
C LYS F 67 4.69 7.34 2.10
N ALA F 68 5.50 6.49 2.72
CA ALA F 68 6.44 6.96 3.73
C ALA F 68 7.87 6.98 3.24
N THR F 69 8.64 7.94 3.73
CA THR F 69 10.07 8.00 3.47
C THR F 69 10.82 8.11 4.79
N LEU F 70 11.58 7.08 5.13
CA LEU F 70 12.31 7.04 6.39
C LEU F 70 13.72 7.57 6.27
N THR F 71 14.05 8.55 7.11
CA THR F 71 15.39 9.11 7.16
C THR F 71 15.87 9.19 8.60
N VAL F 72 17.15 9.46 8.78
CA VAL F 72 17.72 9.52 10.13
C VAL F 72 18.90 10.47 10.24
N ASP F 73 18.95 11.21 11.35
CA ASP F 73 20.10 12.01 11.72
C ASP F 73 20.69 11.44 13.00
N THR F 74 21.79 10.71 12.85
CA THR F 74 22.45 10.04 13.97
C THR F 74 23.04 11.05 14.93
N SER F 75 23.58 12.13 14.36
CA SER F 75 24.23 13.18 15.14
C SER F 75 23.31 13.78 16.20
N SER F 76 22.05 14.00 15.83
CA SER F 76 21.07 14.57 16.74
C SER F 76 20.20 13.49 17.38
N SER F 77 20.49 12.24 17.04
CA SER F 77 19.72 11.09 17.54
C SER F 77 18.24 11.22 17.23
N THR F 78 17.92 11.61 16.00
CA THR F 78 16.54 11.85 15.62
C THR F 78 16.15 11.11 14.34
N ALA F 79 15.01 10.45 14.35
CA ALA F 79 14.51 9.78 13.15
C ALA F 79 13.37 10.56 12.52
N TYR F 80 13.22 10.46 11.20
CA TYR F 80 12.17 11.20 10.50
C TYR F 80 11.37 10.31 9.55
N MET F 81 10.07 10.53 9.51
CA MET F 81 9.21 9.84 8.56
C MET F 81 8.38 10.84 7.76
N GLN F 82 8.64 10.93 6.46
CA GLN F 82 7.89 11.85 5.62
C GLN F 82 6.72 11.16 4.91
N LEU F 83 5.51 11.60 5.25
CA LEU F 83 4.30 11.12 4.58
C LEU F 83 3.88 12.11 3.52
N SER F 84 3.77 11.64 2.28
CA SER F 84 3.46 12.52 1.15
C SER F 84 2.12 12.16 0.50
N SER F 85 1.51 13.15 -0.14
CA SER F 85 0.23 12.99 -0.83
C SER F 85 -0.83 12.39 0.10
N LEU F 86 -1.07 13.07 1.21
CA LEU F 86 -1.93 12.54 2.27
C LEU F 86 -3.42 12.59 1.93
N THR F 87 -4.13 11.53 2.32
CA THR F 87 -5.57 11.49 2.17
C THR F 87 -6.21 11.28 3.54
N SER F 88 -7.54 11.15 3.55
CA SER F 88 -8.26 10.92 4.80
C SER F 88 -7.93 9.55 5.37
N GLU F 89 -7.42 8.67 4.52
CA GLU F 89 -7.07 7.30 4.91
C GLU F 89 -5.75 7.28 5.67
N ASP F 90 -5.05 8.41 5.65
CA ASP F 90 -3.77 8.54 6.34
C ASP F 90 -3.91 9.21 7.69
N SER F 91 -5.16 9.55 8.05
CA SER F 91 -5.43 10.15 9.35
C SER F 91 -5.36 9.09 10.45
N ALA F 92 -4.27 9.11 11.21
CA ALA F 92 -4.05 8.12 12.27
C ALA F 92 -3.00 8.60 13.26
N VAL F 93 -2.73 7.76 14.26
CA VAL F 93 -1.68 8.04 15.23
C VAL F 93 -0.41 7.28 14.85
N TYR F 94 0.70 8.00 14.72
CA TYR F 94 1.95 7.39 14.29
C TYR F 94 2.97 7.29 15.43
N TYR F 95 3.24 6.06 15.86
CA TYR F 95 4.22 5.79 16.90
C TYR F 95 5.61 5.55 16.31
N CYS F 96 6.63 5.91 17.07
CA CYS F 96 7.99 5.47 16.79
C CYS F 96 8.46 4.64 17.97
N THR F 97 9.09 3.50 17.69
CA THR F 97 9.50 2.60 18.76
C THR F 97 10.78 1.87 18.40
N ILE F 98 11.49 1.37 19.41
CA ILE F 98 12.74 0.66 19.16
C ILE F 98 12.65 -0.84 19.44
N ASP F 99 13.37 -1.62 18.65
CA ASP F 99 13.46 -3.06 18.84
C ASP F 99 14.69 -3.37 19.69
N ASP F 100 14.48 -3.49 21.00
CA ASP F 100 15.59 -3.74 21.92
C ASP F 100 15.81 -5.24 22.14
N GLY F 101 15.38 -6.05 21.18
CA GLY F 101 15.61 -7.49 21.24
C GLY F 101 14.42 -8.31 20.79
N TYR F 102 14.02 -8.13 19.53
CA TYR F 102 12.84 -8.79 18.97
C TYR F 102 11.61 -8.48 19.81
N ARG F 103 11.50 -7.21 20.18
CA ARG F 103 10.44 -6.71 21.04
C ARG F 103 10.46 -5.19 20.99
N PHE F 104 9.28 -4.58 20.93
CA PHE F 104 9.17 -3.13 20.99
C PHE F 104 9.04 -2.68 22.44
N GLY F 105 10.17 -2.64 23.14
CA GLY F 105 10.19 -2.36 24.55
C GLY F 105 10.05 -0.90 24.90
N TYR F 106 10.39 -0.04 23.94
CA TYR F 106 10.28 1.41 24.15
C TYR F 106 9.55 2.09 23.00
N TRP F 107 8.43 2.72 23.34
CA TRP F 107 7.59 3.41 22.37
C TRP F 107 7.59 4.92 22.61
N GLY F 108 7.14 5.67 21.61
CA GLY F 108 6.91 7.09 21.77
C GLY F 108 5.46 7.31 22.16
N GLN F 109 5.08 8.57 22.37
CA GLN F 109 3.72 8.88 22.77
C GLN F 109 2.77 8.89 21.58
N GLY F 110 3.33 8.87 20.38
CA GLY F 110 2.54 8.83 19.17
C GLY F 110 2.12 10.21 18.69
N THR F 111 2.19 10.43 17.38
CA THR F 111 1.79 11.70 16.79
C THR F 111 0.45 11.58 16.07
N LEU F 112 -0.54 12.29 16.57
CA LEU F 112 -1.87 12.28 15.96
C LEU F 112 -1.90 13.14 14.70
N VAL F 113 -1.95 12.49 13.54
CA VAL F 113 -1.99 13.20 12.27
C VAL F 113 -3.42 13.30 11.73
N THR F 114 -3.89 14.53 11.53
CA THR F 114 -5.22 14.76 10.99
C THR F 114 -5.14 15.35 9.58
N VAL F 115 -5.79 14.67 8.65
CA VAL F 115 -5.86 15.14 7.26
C VAL F 115 -7.26 15.65 6.96
N SER F 116 -7.39 16.97 6.84
CA SER F 116 -8.70 17.59 6.60
C SER F 116 -8.54 18.96 5.96
N ALA F 117 -9.55 19.35 5.18
CA ALA F 117 -9.56 20.66 4.54
C ALA F 117 -10.11 21.71 5.50
N ALA F 118 -10.72 21.25 6.58
CA ALA F 118 -11.30 22.14 7.58
C ALA F 118 -10.26 23.07 8.21
N LYS F 119 -10.73 24.23 8.68
CA LYS F 119 -9.84 25.25 9.23
C LYS F 119 -9.68 25.11 10.74
N THR F 120 -8.49 25.46 11.24
CA THR F 120 -8.22 25.47 12.66
C THR F 120 -9.11 26.48 13.38
N THR F 121 -9.78 26.03 14.43
CA THR F 121 -10.72 26.88 15.16
C THR F 121 -10.52 26.78 16.66
N ALA F 122 -10.41 27.94 17.32
CA ALA F 122 -10.25 28.00 18.76
C ALA F 122 -11.54 27.57 19.47
N PRO F 123 -11.41 26.87 20.60
CA PRO F 123 -12.57 26.34 21.33
C PRO F 123 -13.24 27.39 22.21
N SER F 124 -14.55 27.24 22.39
CA SER F 124 -15.28 28.04 23.35
C SER F 124 -15.52 27.22 24.61
N VAL F 125 -15.06 27.73 25.75
CA VAL F 125 -15.14 27.01 27.01
C VAL F 125 -16.24 27.59 27.91
N TYR F 126 -17.19 26.74 28.29
CA TYR F 126 -18.32 27.14 29.10
C TYR F 126 -18.33 26.39 30.43
N PRO F 127 -18.48 27.13 31.54
CA PRO F 127 -18.56 26.52 32.87
C PRO F 127 -19.94 25.91 33.10
N LEU F 128 -19.98 24.69 33.62
CA LEU F 128 -21.25 24.02 33.89
C LEU F 128 -21.51 23.93 35.39
N ALA F 129 -22.33 24.85 35.88
CA ALA F 129 -22.70 24.90 37.29
C ALA F 129 -24.01 24.16 37.52
N PRO F 130 -24.18 23.58 38.72
CA PRO F 130 -25.41 22.84 39.06
C PRO F 130 -26.64 23.73 38.99
N VAL F 131 -27.81 23.12 38.86
CA VAL F 131 -29.07 23.87 38.81
C VAL F 131 -29.27 24.68 40.09
N CYS F 132 -30.05 25.75 39.99
CA CYS F 132 -30.31 26.62 41.12
C CYS F 132 -30.94 25.88 42.30
N GLY F 133 -30.64 26.34 43.50
CA GLY F 133 -31.11 25.67 44.70
C GLY F 133 -30.04 24.80 45.32
N ASP F 134 -30.45 23.70 45.93
CA ASP F 134 -29.51 22.79 46.58
C ASP F 134 -29.01 21.70 45.63
N THR F 135 -28.15 20.83 46.15
CA THR F 135 -27.60 19.72 45.38
C THR F 135 -27.77 18.41 46.15
N THR F 136 -28.16 17.36 45.44
CA THR F 136 -28.42 16.05 46.04
C THR F 136 -27.25 15.50 46.85
N GLY F 137 -27.54 15.05 48.07
CA GLY F 137 -26.54 14.43 48.92
C GLY F 137 -25.51 15.41 49.45
N SER F 138 -24.33 14.89 49.80
CA SER F 138 -23.24 15.72 50.31
C SER F 138 -22.15 15.90 49.26
N SER F 139 -22.44 15.48 48.03
CA SER F 139 -21.50 15.62 46.93
C SER F 139 -22.09 16.43 45.78
N VAL F 140 -21.25 17.27 45.18
CA VAL F 140 -21.67 18.11 44.07
C VAL F 140 -20.82 17.81 42.83
N THR F 141 -21.49 17.76 41.67
CA THR F 141 -20.81 17.55 40.41
C THR F 141 -20.79 18.83 39.58
N LEU F 142 -19.60 19.24 39.17
CA LEU F 142 -19.44 20.39 38.29
C LEU F 142 -19.04 19.89 36.90
N GLY F 143 -19.17 20.76 35.90
CA GLY F 143 -18.84 20.38 34.55
C GLY F 143 -18.09 21.46 33.78
N CYS F 144 -17.52 21.06 32.66
CA CYS F 144 -16.82 21.98 31.77
C CYS F 144 -17.07 21.56 30.32
N LEU F 145 -17.50 22.51 29.51
CA LEU F 145 -17.89 22.22 28.13
C LEU F 145 -17.01 22.94 27.11
N VAL F 146 -16.24 22.15 26.35
CA VAL F 146 -15.40 22.67 25.28
C VAL F 146 -16.11 22.45 23.95
N LYS F 147 -16.42 23.55 23.25
CA LYS F 147 -17.25 23.44 22.05
C LYS F 147 -16.71 24.20 20.84
N GLY F 148 -16.82 23.58 19.67
CA GLY F 148 -16.49 24.23 18.41
C GLY F 148 -15.01 24.44 18.14
N TYR F 149 -14.22 23.37 18.25
CA TYR F 149 -12.80 23.48 17.97
C TYR F 149 -12.33 22.48 16.92
N PHE F 150 -11.17 22.78 16.33
CA PHE F 150 -10.56 21.91 15.34
C PHE F 150 -9.10 22.33 15.15
N PRO F 151 -8.19 21.34 15.04
CA PRO F 151 -8.49 19.91 15.15
C PRO F 151 -8.17 19.41 16.55
N GLU F 152 -8.13 18.09 16.70
CA GLU F 152 -7.67 17.47 17.93
C GLU F 152 -6.19 17.77 18.11
N PRO F 153 -5.70 17.75 19.36
CA PRO F 153 -6.44 17.50 20.59
C PRO F 153 -6.60 18.74 21.46
N VAL F 154 -7.36 18.60 22.55
CA VAL F 154 -7.38 19.59 23.60
C VAL F 154 -7.01 18.90 24.91
N THR F 155 -6.48 19.66 25.85
CA THR F 155 -6.16 19.12 27.17
C THR F 155 -6.97 19.84 28.24
N LEU F 156 -7.69 19.06 29.05
CA LEU F 156 -8.54 19.64 30.09
C LEU F 156 -8.15 19.11 31.47
N THR F 157 -7.85 20.04 32.38
CA THR F 157 -7.57 19.66 33.76
C THR F 157 -8.48 20.43 34.72
N TRP F 158 -8.40 20.10 36.00
CA TRP F 158 -9.14 20.81 37.03
C TRP F 158 -8.19 21.33 38.10
N ASN F 159 -8.24 22.64 38.34
CA ASN F 159 -7.33 23.31 39.26
C ASN F 159 -5.86 23.07 38.92
N SER F 160 -5.54 23.22 37.64
CA SER F 160 -4.17 23.01 37.14
C SER F 160 -3.63 21.62 37.43
N GLY F 161 -4.53 20.65 37.60
CA GLY F 161 -4.14 19.27 37.83
C GLY F 161 -4.21 18.85 39.28
N SER F 162 -4.45 19.80 40.17
CA SER F 162 -4.52 19.51 41.61
C SER F 162 -5.80 18.76 41.96
N LEU F 163 -6.77 18.77 41.05
CA LEU F 163 -8.03 18.07 41.25
C LEU F 163 -8.20 16.99 40.18
N SER F 164 -7.88 15.75 40.54
CA SER F 164 -7.88 14.65 39.59
C SER F 164 -8.87 13.55 39.95
N SER F 165 -9.20 13.43 41.23
CA SER F 165 -10.12 12.41 41.69
C SER F 165 -11.56 12.79 41.40
N GLY F 166 -12.35 11.82 40.96
CA GLY F 166 -13.75 12.05 40.62
C GLY F 166 -13.93 12.77 39.30
N VAL F 167 -12.86 12.79 38.50
CA VAL F 167 -12.88 13.48 37.22
C VAL F 167 -13.16 12.52 36.06
N HIS F 168 -14.11 12.89 35.21
CA HIS F 168 -14.40 12.13 34.01
C HIS F 168 -14.33 13.02 32.78
N THR F 169 -13.25 12.86 32.00
CA THR F 169 -13.11 13.59 30.75
C THR F 169 -13.57 12.72 29.59
N PHE F 170 -14.54 13.23 28.82
CA PHE F 170 -15.16 12.45 27.76
C PHE F 170 -14.51 12.72 26.40
N PRO F 171 -14.29 11.65 25.61
CA PRO F 171 -13.68 11.76 24.28
C PRO F 171 -14.47 12.70 23.37
N ALA F 172 -13.76 13.54 22.64
CA ALA F 172 -14.38 14.53 21.77
C ALA F 172 -15.21 13.87 20.67
N VAL F 173 -16.22 14.58 20.20
CA VAL F 173 -17.04 14.10 19.10
C VAL F 173 -17.10 15.13 17.97
N LEU F 174 -16.84 14.67 16.76
CA LEU F 174 -16.81 15.56 15.60
C LEU F 174 -18.20 15.73 14.98
N GLN F 175 -18.56 16.98 14.70
CA GLN F 175 -19.79 17.29 13.98
C GLN F 175 -19.62 18.58 13.18
N SER F 176 -19.82 18.47 11.87
CA SER F 176 -19.68 19.60 10.95
C SER F 176 -18.30 20.25 11.07
N ASP F 177 -17.27 19.41 11.04
CA ASP F 177 -15.87 19.87 11.11
C ASP F 177 -15.54 20.64 12.40
N LEU F 178 -16.30 20.37 13.46
CA LEU F 178 -16.04 20.97 14.76
C LEU F 178 -16.20 19.94 15.88
N TYR F 179 -15.24 19.93 16.80
CA TYR F 179 -15.26 18.95 17.90
C TYR F 179 -15.98 19.47 19.13
N THR F 180 -16.56 18.55 19.88
CA THR F 180 -17.19 18.87 21.16
C THR F 180 -16.75 17.88 22.24
N LEU F 181 -16.18 18.42 23.32
CA LEU F 181 -15.68 17.62 24.43
C LEU F 181 -16.24 18.14 25.74
N SER F 182 -16.43 17.26 26.71
CA SER F 182 -16.96 17.68 28.00
C SER F 182 -16.26 16.95 29.15
N SER F 183 -16.34 17.51 30.35
CA SER F 183 -15.74 16.87 31.51
C SER F 183 -16.53 17.13 32.79
N SER F 184 -16.55 16.16 33.69
CA SER F 184 -17.24 16.30 34.96
C SER F 184 -16.27 16.12 36.12
N VAL F 185 -16.58 16.73 37.25
CA VAL F 185 -15.80 16.52 38.46
C VAL F 185 -16.70 16.53 39.70
N THR F 186 -16.61 15.46 40.49
CA THR F 186 -17.45 15.34 41.68
C THR F 186 -16.64 15.54 42.95
N VAL F 187 -16.97 16.60 43.68
CA VAL F 187 -16.28 16.90 44.94
C VAL F 187 -17.28 16.93 46.08
N THR F 188 -16.77 16.98 47.31
CA THR F 188 -17.64 17.09 48.47
C THR F 188 -18.20 18.51 48.54
N SER F 189 -19.42 18.63 49.04
CA SER F 189 -20.09 19.93 49.11
C SER F 189 -19.39 20.89 50.06
N SER F 190 -18.60 20.34 50.98
CA SER F 190 -17.86 21.16 51.93
C SER F 190 -16.67 21.83 51.25
N THR F 191 -16.35 21.39 50.04
CA THR F 191 -15.22 21.96 49.29
C THR F 191 -15.68 22.86 48.16
N TRP F 192 -16.87 22.61 47.64
CA TRP F 192 -17.45 23.48 46.62
C TRP F 192 -18.82 24.02 47.05
N PRO F 193 -19.03 25.33 46.85
CA PRO F 193 -18.06 26.22 46.23
C PRO F 193 -17.03 26.87 47.16
N SER F 194 -16.97 26.46 48.43
CA SER F 194 -16.08 27.08 49.43
C SER F 194 -14.67 27.29 48.92
N GLN F 195 -14.18 26.33 48.15
CA GLN F 195 -12.88 26.44 47.50
C GLN F 195 -13.09 26.50 45.99
N SER F 196 -12.29 27.33 45.32
CA SER F 196 -12.46 27.57 43.88
C SER F 196 -12.12 26.34 43.06
N ILE F 197 -12.95 26.07 42.05
CA ILE F 197 -12.70 24.99 41.11
C ILE F 197 -12.72 25.51 39.68
N THR F 198 -11.57 25.43 39.01
CA THR F 198 -11.41 25.99 37.68
C THR F 198 -10.97 24.93 36.68
N CYS F 199 -11.64 24.87 35.54
CA CYS F 199 -11.23 23.95 34.48
C CYS F 199 -10.27 24.65 33.53
N ASN F 200 -9.16 23.96 33.23
CA ASN F 200 -8.11 24.52 32.38
C ASN F 200 -8.05 23.80 31.04
N VAL F 201 -8.36 24.53 29.98
CA VAL F 201 -8.41 23.97 28.63
C VAL F 201 -7.34 24.54 27.72
N ALA F 202 -6.56 23.65 27.10
CA ALA F 202 -5.52 24.08 26.18
C ALA F 202 -5.70 23.47 24.80
N HIS F 203 -5.71 24.32 23.77
CA HIS F 203 -5.79 23.88 22.40
C HIS F 203 -4.62 24.44 21.61
N PRO F 204 -3.49 23.71 21.63
CA PRO F 204 -2.20 24.13 21.05
C PRO F 204 -2.29 24.51 19.58
N ALA F 205 -3.22 23.91 18.84
CA ALA F 205 -3.40 24.19 17.42
C ALA F 205 -3.74 25.65 17.17
N SER F 206 -4.51 26.25 18.07
CA SER F 206 -4.90 27.64 17.95
C SER F 206 -4.21 28.50 19.00
N SER F 207 -3.20 27.92 19.66
CA SER F 207 -2.47 28.58 20.74
C SER F 207 -3.40 29.13 21.81
N THR F 208 -4.36 28.31 22.22
CA THR F 208 -5.39 28.72 23.17
C THR F 208 -5.17 28.12 24.56
N LYS F 209 -5.24 28.98 25.57
CA LYS F 209 -5.18 28.54 26.96
C LYS F 209 -6.24 29.30 27.76
N VAL F 210 -7.32 28.61 28.10
CA VAL F 210 -8.44 29.23 28.79
C VAL F 210 -8.73 28.59 30.15
N ASP F 211 -8.78 29.41 31.19
CA ASP F 211 -9.16 28.95 32.52
C ASP F 211 -10.56 29.45 32.84
N LYS F 212 -11.47 28.51 33.14
CA LYS F 212 -12.84 28.87 33.44
C LYS F 212 -13.23 28.43 34.85
N LYS F 213 -13.47 29.40 35.73
CA LYS F 213 -13.86 29.12 37.10
C LYS F 213 -15.35 28.82 37.19
N ILE F 214 -15.70 27.74 37.89
CA ILE F 214 -17.09 27.34 38.03
C ILE F 214 -17.78 28.12 39.16
N GLU F 215 -18.64 29.07 38.77
CA GLU F 215 -19.35 29.90 39.73
C GLU F 215 -20.76 29.39 39.98
N PRO F 216 -21.24 29.53 41.23
CA PRO F 216 -22.61 29.14 41.59
C PRO F 216 -23.64 30.03 40.89
N ARG F 217 -24.79 29.47 40.53
CA ARG F 217 -25.83 30.24 39.85
C ARG F 217 -26.61 31.09 40.84
#